data_3SOZ
#
_entry.id   3SOZ
#
_cell.length_a   92.387
_cell.length_b   92.387
_cell.length_c   240.904
_cell.angle_alpha   90.00
_cell.angle_beta   90.00
_cell.angle_gamma   90.00
#
_symmetry.space_group_name_H-M   'P 41 21 2'
#
loop_
_entity.id
_entity.type
_entity.pdbx_description
1 polymer 'Cytoplasmic Protein STM1381'
2 non-polymer GLYCEROL
3 water water
#
_entity_poly.entity_id   1
_entity_poly.type   'polypeptide(L)'
_entity_poly.pdbx_seq_one_letter_code
;SNA(MSE)KILFIGESWHIH(MSE)IHSKGFDSFTSSKYEEGADYLLSCLRQGNIDVDY(MSE)PAHIVQTRFPQTAEAL
ACYDAIVISDIGSNTFLLQNRTFYN(MSE)DIIPDALQLIADYVAEGGGLL(MSE)IGGYLSFTGIEAKANYKNTVLAEV
LPVD(MSE)LDVDDRVELPQGCKAVNTAVEHVITQPFSEWPPLLGYNKLIAKENSQVLAEINGDPLLV(MSE)GTYHKGK
VCCFASDCSPHWGSPQFLQWEHYATFWCNVLHTIKK
;
_entity_poly.pdbx_strand_id   A,B,C
#
loop_
_chem_comp.id
_chem_comp.type
_chem_comp.name
_chem_comp.formula
GOL non-polymer GLYCEROL 'C3 H8 O3'
#
# COMPACT_ATOMS: atom_id res chain seq x y z
N MSE A 4 -18.99 27.79 22.31
CA MSE A 4 -18.63 26.45 21.77
C MSE A 4 -17.13 26.18 21.91
O MSE A 4 -16.30 26.97 21.46
CB MSE A 4 -19.04 26.29 20.31
CG MSE A 4 -19.12 24.82 19.82
SE MSE A 4 -19.57 24.54 17.91
CE MSE A 4 -19.60 22.57 17.91
N LYS A 5 -16.83 25.03 22.52
CA LYS A 5 -15.46 24.56 22.75
C LYS A 5 -15.27 23.23 21.99
N ILE A 6 -14.24 23.19 21.16
CA ILE A 6 -13.90 21.98 20.40
C ILE A 6 -12.44 21.56 20.57
N LEU A 7 -12.24 20.26 20.40
CA LEU A 7 -10.89 19.69 20.27
C LEU A 7 -10.46 19.62 18.80
N PHE A 8 -9.43 20.36 18.46
CA PHE A 8 -8.91 20.26 17.09
C PHE A 8 -7.60 19.52 16.86
N ILE A 9 -7.74 18.31 16.33
CA ILE A 9 -6.62 17.44 16.10
C ILE A 9 -6.09 17.52 14.66
N GLY A 10 -4.89 18.11 14.52
CA GLY A 10 -4.07 17.96 13.31
C GLY A 10 -2.60 18.30 13.48
N GLU A 11 -1.86 18.40 12.38
CA GLU A 11 -0.43 18.75 12.43
C GLU A 11 -0.01 19.40 11.14
N SER A 12 1.03 20.24 11.23
CA SER A 12 1.91 20.56 10.09
C SER A 12 2.58 19.31 9.50
N TRP A 13 2.93 19.34 8.21
CA TRP A 13 3.77 18.27 7.62
C TRP A 13 5.18 18.63 7.97
N HIS A 14 6.00 17.64 8.33
CA HIS A 14 7.46 17.90 8.39
C HIS A 14 8.04 17.46 7.05
N ILE A 15 8.92 18.23 6.45
CA ILE A 15 9.45 17.82 5.15
C ILE A 15 10.93 17.49 5.26
N HIS A 16 11.32 16.28 4.88
CA HIS A 16 12.75 15.98 4.85
C HIS A 16 13.24 15.77 3.43
N MSE A 17 14.22 16.55 2.98
CA MSE A 17 14.62 16.54 1.56
C MSE A 17 16.01 15.97 1.37
O MSE A 17 16.98 16.52 1.90
CB MSE A 17 14.60 17.96 0.97
CG MSE A 17 13.43 18.25 0.09
SE MSE A 17 13.11 20.11 -0.37
CE MSE A 17 14.52 20.21 -1.57
N ILE A 18 16.10 14.88 0.62
CA ILE A 18 17.42 14.41 0.18
C ILE A 18 17.72 14.95 -1.24
N HIS A 19 18.73 15.79 -1.36
CA HIS A 19 19.16 16.28 -2.69
C HIS A 19 20.34 15.47 -3.09
N SER A 20 20.39 14.95 -4.32
CA SER A 20 21.52 14.10 -4.70
C SER A 20 22.09 14.45 -6.04
N LYS A 21 23.38 14.33 -6.23
CA LYS A 21 23.92 14.61 -7.57
C LYS A 21 25.17 13.77 -7.71
N GLY A 22 25.08 12.83 -8.65
CA GLY A 22 26.09 11.77 -8.75
C GLY A 22 26.17 11.05 -7.42
N PHE A 23 27.38 11.00 -6.86
CA PHE A 23 27.64 10.18 -5.72
C PHE A 23 26.99 10.75 -4.46
N ASP A 24 27.06 12.07 -4.36
CA ASP A 24 26.81 12.77 -3.13
C ASP A 24 25.37 13.21 -2.94
N SER A 25 25.02 13.33 -1.66
CA SER A 25 23.81 13.99 -1.19
C SER A 25 24.04 15.01 -0.09
N PHE A 26 23.08 15.92 0.05
CA PHE A 26 22.92 16.60 1.31
C PHE A 26 21.44 16.74 1.56
N THR A 27 21.08 17.17 2.76
CA THR A 27 19.68 17.23 3.08
C THR A 27 19.22 18.66 3.47
N SER A 28 17.92 18.91 3.33
CA SER A 28 17.34 20.13 3.93
C SER A 28 16.01 19.73 4.54
N SER A 29 15.49 20.45 5.51
CA SER A 29 14.26 20.00 6.15
C SER A 29 13.43 21.20 6.53
N LYS A 30 12.13 21.02 6.57
CA LYS A 30 11.28 22.12 6.94
C LYS A 30 9.90 21.64 7.33
N TYR A 31 9.02 22.60 7.50
CA TYR A 31 7.68 22.35 7.91
C TYR A 31 6.78 22.95 6.90
N GLU A 32 5.63 22.34 6.71
CA GLU A 32 4.74 22.97 5.81
C GLU A 32 3.85 23.87 6.57
N GLU A 33 2.71 23.40 6.99
CA GLU A 33 1.77 24.27 7.69
C GLU A 33 0.53 23.43 7.82
N GLY A 34 -0.17 23.64 8.95
CA GLY A 34 -1.39 22.90 9.26
C GLY A 34 -2.57 23.77 8.90
N ALA A 35 -3.59 23.73 9.74
CA ALA A 35 -4.82 24.44 9.44
C ALA A 35 -4.84 25.87 9.99
N ASP A 36 -3.67 26.49 10.15
CA ASP A 36 -3.56 27.79 10.84
C ASP A 36 -4.64 28.75 10.43
N TYR A 37 -4.84 28.89 9.12
CA TYR A 37 -5.91 29.72 8.61
C TYR A 37 -7.25 29.29 9.19
N LEU A 38 -7.63 28.04 8.96
CA LEU A 38 -8.88 27.46 9.49
C LEU A 38 -9.10 27.62 11.00
N LEU A 39 -8.02 27.54 11.77
CA LEU A 39 -8.12 27.77 13.20
C LEU A 39 -8.38 29.23 13.53
N SER A 40 -7.59 30.14 12.95
CA SER A 40 -7.86 31.57 13.10
C SER A 40 -9.30 31.89 12.71
N CYS A 41 -9.86 31.12 11.76
CA CYS A 41 -11.24 31.27 11.27
C CYS A 41 -12.32 30.77 12.23
N LEU A 42 -12.01 29.68 12.92
CA LEU A 42 -12.91 29.04 13.87
C LEU A 42 -13.04 29.90 15.11
N ARG A 43 -11.90 30.34 15.64
CA ARG A 43 -11.86 31.42 16.62
C ARG A 43 -12.30 32.65 15.87
N GLN A 44 -12.76 33.68 16.57
CA GLN A 44 -13.22 34.87 15.83
C GLN A 44 -14.58 34.60 15.14
N GLY A 45 -14.95 33.33 15.02
CA GLY A 45 -16.35 32.94 14.88
C GLY A 45 -16.85 32.48 16.25
N ASN A 46 -16.27 33.06 17.31
CA ASN A 46 -16.46 32.63 18.72
C ASN A 46 -16.56 31.13 18.88
N ILE A 47 -15.53 30.45 18.39
CA ILE A 47 -15.34 29.07 18.75
C ILE A 47 -14.05 28.97 19.56
N ASP A 48 -14.19 28.32 20.72
CA ASP A 48 -13.09 28.05 21.61
C ASP A 48 -12.40 26.75 21.15
N VAL A 49 -11.14 26.89 20.74
CA VAL A 49 -10.39 25.78 20.14
C VAL A 49 -9.11 25.43 20.89
N ASP A 50 -9.13 24.23 21.47
CA ASP A 50 -7.91 23.53 21.85
C ASP A 50 -7.31 22.87 20.58
N TYR A 51 -6.07 23.26 20.22
CA TYR A 51 -5.36 22.65 19.11
C TYR A 51 -4.54 21.52 19.66
N MSE A 52 -4.77 20.32 19.18
CA MSE A 52 -3.92 19.23 19.62
C MSE A 52 -3.11 18.66 18.45
O MSE A 52 -3.63 17.88 17.65
CB MSE A 52 -4.75 18.17 20.34
CG MSE A 52 -3.95 16.98 20.65
SE MSE A 52 -4.80 15.67 21.80
CE MSE A 52 -6.01 14.89 20.56
N PRO A 53 -1.82 19.06 18.36
CA PRO A 53 -0.97 18.47 17.33
C PRO A 53 -0.87 16.96 17.50
N ALA A 54 -0.66 16.23 16.41
CA ALA A 54 -0.22 14.84 16.52
C ALA A 54 1.10 15.03 17.21
N HIS A 55 1.57 14.08 17.98
CA HIS A 55 2.64 14.41 18.96
C HIS A 55 2.04 14.64 20.30
N ILE A 56 1.14 15.61 20.44
CA ILE A 56 0.37 15.60 21.68
C ILE A 56 -0.48 14.33 21.69
N VAL A 57 -1.12 14.01 20.58
CA VAL A 57 -1.74 12.71 20.41
C VAL A 57 -0.77 11.56 20.68
N GLN A 58 0.49 11.70 20.28
CA GLN A 58 1.42 10.59 20.30
C GLN A 58 2.01 10.28 21.69
N THR A 59 2.02 11.32 22.53
CA THR A 59 2.60 11.29 23.89
C THR A 59 1.55 11.43 25.04
N ARG A 60 0.67 12.44 24.99
CA ARG A 60 -0.26 12.81 26.10
C ARG A 60 -1.75 12.61 25.75
N PHE A 61 -2.10 11.57 25.00
CA PHE A 61 -3.51 11.47 24.58
C PHE A 61 -4.46 11.04 25.70
N PRO A 62 -5.53 11.83 25.97
CA PRO A 62 -6.58 11.54 26.96
C PRO A 62 -6.92 10.06 27.02
N GLN A 63 -6.93 9.50 28.22
CA GLN A 63 -7.19 8.08 28.36
C GLN A 63 -8.49 7.77 29.11
N THR A 64 -9.23 8.80 29.50
CA THR A 64 -10.53 8.56 30.16
C THR A 64 -11.67 9.32 29.48
N ALA A 65 -12.87 8.78 29.60
CA ALA A 65 -14.08 9.38 29.02
C ALA A 65 -14.36 10.79 29.54
N GLU A 66 -14.14 10.97 30.84
CA GLU A 66 -14.35 12.27 31.48
C GLU A 66 -13.57 13.38 30.75
N ALA A 67 -12.37 13.06 30.26
CA ALA A 67 -11.42 14.05 29.70
C ALA A 67 -11.90 14.77 28.44
N LEU A 68 -12.53 14.01 27.53
CA LEU A 68 -13.06 14.51 26.26
C LEU A 68 -14.46 15.11 26.37
N ALA A 69 -15.18 14.74 27.44
CA ALA A 69 -16.57 15.15 27.69
C ALA A 69 -16.78 16.67 27.74
N CYS A 70 -15.75 17.39 28.15
CA CYS A 70 -15.86 18.82 28.19
C CYS A 70 -15.74 19.44 26.81
N TYR A 71 -15.73 18.62 25.75
CA TYR A 71 -15.64 19.14 24.36
C TYR A 71 -16.95 18.96 23.62
N ASP A 72 -17.41 20.01 22.95
CA ASP A 72 -18.61 19.89 22.12
C ASP A 72 -18.44 19.02 20.88
N ALA A 73 -17.26 19.13 20.25
CA ALA A 73 -16.88 18.31 19.10
C ALA A 73 -15.38 18.06 18.97
N ILE A 74 -15.08 16.98 18.26
CA ILE A 74 -13.71 16.67 18.01
C ILE A 74 -13.51 16.79 16.51
N VAL A 75 -12.43 17.49 16.16
CA VAL A 75 -12.00 17.56 14.75
C VAL A 75 -10.71 16.78 14.48
N ILE A 76 -10.85 15.81 13.59
CA ILE A 76 -9.71 15.14 13.05
C ILE A 76 -9.48 15.63 11.62
N SER A 77 -8.30 16.15 11.35
CA SER A 77 -8.04 16.59 10.01
C SER A 77 -6.72 16.11 9.51
N ASP A 78 -6.78 15.24 8.50
CA ASP A 78 -5.57 14.75 7.84
C ASP A 78 -4.60 14.08 8.81
N ILE A 79 -5.09 13.21 9.68
CA ILE A 79 -4.22 12.45 10.54
C ILE A 79 -4.59 11.00 10.45
N GLY A 80 -3.65 10.15 10.11
CA GLY A 80 -3.94 8.71 10.03
C GLY A 80 -4.27 7.98 11.33
N SER A 81 -5.00 6.88 11.19
CA SER A 81 -5.30 6.01 12.31
C SER A 81 -4.10 5.47 13.07
N ASN A 82 -2.97 5.28 12.38
CA ASN A 82 -1.74 4.83 13.02
C ASN A 82 -1.30 5.75 14.13
N THR A 83 -1.43 7.05 13.90
CA THR A 83 -1.10 7.98 14.92
C THR A 83 -1.90 7.78 16.20
N PHE A 84 -3.19 7.45 16.10
CA PHE A 84 -4.01 7.21 17.31
C PHE A 84 -3.71 5.89 17.96
N LEU A 85 -3.74 4.80 17.19
CA LEU A 85 -3.50 3.45 17.70
C LEU A 85 -2.07 3.19 18.18
N LEU A 86 -1.07 3.78 17.53
CA LEU A 86 0.32 3.49 17.87
C LEU A 86 1.03 4.68 18.51
N GLN A 87 0.58 5.05 19.71
CA GLN A 87 1.17 6.17 20.45
C GLN A 87 2.55 5.72 20.91
N ASN A 88 3.37 6.67 21.36
CA ASN A 88 4.77 6.31 21.62
C ASN A 88 4.92 5.21 22.65
N ARG A 89 4.08 5.24 23.68
CA ARG A 89 4.10 4.32 24.78
C ARG A 89 3.68 2.93 24.36
N THR A 90 2.84 2.80 23.36
CA THR A 90 2.48 1.47 22.83
C THR A 90 3.56 0.98 21.95
N PHE A 91 3.91 1.80 20.97
CA PHE A 91 4.85 1.38 19.94
C PHE A 91 6.32 1.20 20.41
N TYR A 92 6.82 2.07 21.27
CA TYR A 92 8.23 2.02 21.66
C TYR A 92 8.45 1.52 23.08
N ASN A 93 7.48 1.79 23.96
CA ASN A 93 7.59 1.43 25.39
C ASN A 93 6.97 0.11 25.79
N MSE A 94 6.04 -0.41 25.01
CA MSE A 94 5.49 -1.71 25.33
C MSE A 94 4.50 -1.64 26.51
O MSE A 94 4.14 -2.65 27.11
CB MSE A 94 6.64 -2.71 25.57
CG MSE A 94 7.11 -3.41 24.27
SE MSE A 94 5.93 -5.03 23.91
CE MSE A 94 7.11 -6.42 24.73
N ASP A 95 4.06 -0.43 26.82
CA ASP A 95 3.03 -0.17 27.80
C ASP A 95 1.71 -0.66 27.24
N ILE A 96 0.65 -0.57 28.03
CA ILE A 96 -0.68 -0.92 27.58
C ILE A 96 -1.57 0.26 27.85
N ILE A 97 -2.08 0.89 26.80
CA ILE A 97 -2.88 2.08 26.99
C ILE A 97 -4.20 1.79 26.29
N PRO A 98 -5.27 2.56 26.58
CA PRO A 98 -6.55 2.25 25.89
C PRO A 98 -6.65 2.75 24.44
N ASP A 99 -7.37 1.99 23.60
CA ASP A 99 -7.64 2.36 22.19
C ASP A 99 -8.24 3.75 22.10
N ALA A 100 -7.44 4.73 21.70
CA ALA A 100 -7.84 6.17 21.52
C ALA A 100 -9.04 6.40 20.62
N LEU A 101 -9.31 5.44 19.74
CA LEU A 101 -10.37 5.54 18.76
C LEU A 101 -11.65 4.97 19.36
N GLN A 102 -11.51 4.02 20.29
CA GLN A 102 -12.64 3.60 21.11
C GLN A 102 -13.05 4.82 21.89
N LEU A 103 -12.07 5.51 22.47
CA LEU A 103 -12.36 6.73 23.21
C LEU A 103 -13.20 7.73 22.43
N ILE A 104 -12.85 7.97 21.17
CA ILE A 104 -13.59 8.95 20.37
C ILE A 104 -14.98 8.39 20.04
N ALA A 105 -15.02 7.09 19.75
CA ALA A 105 -16.27 6.43 19.48
C ALA A 105 -17.24 6.56 20.65
N ASP A 106 -16.77 6.16 21.84
CA ASP A 106 -17.52 6.25 23.07
C ASP A 106 -18.02 7.67 23.19
N TYR A 107 -17.12 8.65 23.15
CA TYR A 107 -17.48 10.06 23.23
C TYR A 107 -18.63 10.45 22.32
N VAL A 108 -18.54 10.06 21.06
CA VAL A 108 -19.56 10.42 20.08
C VAL A 108 -20.92 9.79 20.42
N ALA A 109 -20.94 8.47 20.62
CA ALA A 109 -22.11 7.74 21.14
C ALA A 109 -22.78 8.45 22.36
N GLU A 110 -21.98 8.99 23.29
CA GLU A 110 -22.49 9.76 24.43
C GLU A 110 -22.87 11.19 24.02
N GLY A 111 -23.26 11.36 22.76
CA GLY A 111 -23.67 12.69 22.29
C GLY A 111 -22.62 13.68 21.80
N GLY A 112 -21.33 13.39 21.96
CA GLY A 112 -20.29 14.25 21.35
C GLY A 112 -20.37 14.32 19.82
N GLY A 113 -20.05 15.46 19.24
CA GLY A 113 -19.88 15.53 17.75
C GLY A 113 -18.45 15.29 17.20
N LEU A 114 -18.40 14.61 16.06
CA LEU A 114 -17.16 14.36 15.31
C LEU A 114 -17.16 14.94 13.90
N LEU A 115 -16.08 15.63 13.57
CA LEU A 115 -15.83 15.94 12.16
C LEU A 115 -14.48 15.39 11.66
N MSE A 116 -14.52 14.68 10.54
CA MSE A 116 -13.31 14.31 9.84
C MSE A 116 -13.21 15.05 8.52
O MSE A 116 -14.13 14.99 7.67
CB MSE A 116 -13.19 12.80 9.63
CG MSE A 116 -11.87 12.37 8.90
SE MSE A 116 -11.49 10.42 8.93
CE MSE A 116 -10.51 10.44 10.60
N ILE A 117 -12.09 15.75 8.35
CA ILE A 117 -11.76 16.44 7.10
C ILE A 117 -10.77 15.61 6.30
N GLY A 118 -11.06 15.42 5.02
CA GLY A 118 -10.20 14.59 4.15
C GLY A 118 -8.82 15.13 3.87
N GLY A 119 -8.08 14.38 3.06
CA GLY A 119 -6.65 14.66 2.78
C GLY A 119 -5.92 13.32 2.64
N TYR A 120 -4.60 13.38 2.55
CA TYR A 120 -3.85 12.20 2.32
C TYR A 120 -3.86 11.17 3.46
N LEU A 121 -3.97 11.63 4.70
CA LEU A 121 -4.04 10.73 5.82
C LEU A 121 -5.44 10.64 6.48
N SER A 122 -6.47 10.81 5.68
CA SER A 122 -7.84 10.73 6.14
C SER A 122 -8.48 9.58 5.40
N PHE A 123 -9.57 9.12 5.99
CA PHE A 123 -10.34 8.00 5.43
C PHE A 123 -9.43 6.80 5.11
N THR A 124 -9.35 6.39 3.84
CA THR A 124 -8.39 5.38 3.48
C THR A 124 -7.03 6.03 3.19
N GLY A 125 -7.01 7.18 2.56
CA GLY A 125 -5.78 7.96 2.37
C GLY A 125 -4.82 7.45 1.34
N ILE A 126 -3.75 8.22 1.12
CA ILE A 126 -2.75 7.87 0.10
C ILE A 126 -2.03 6.58 0.37
N GLU A 127 -1.77 5.81 -0.67
CA GLU A 127 -1.39 4.40 -0.56
C GLU A 127 -2.15 3.67 0.54
N ALA A 128 -3.37 4.10 0.82
CA ALA A 128 -4.25 3.45 1.82
C ALA A 128 -3.69 3.49 3.27
N LYS A 129 -2.86 4.49 3.56
CA LYS A 129 -2.18 4.54 4.84
C LYS A 129 -3.04 5.03 5.99
N ALA A 130 -4.05 5.86 5.72
CA ALA A 130 -4.85 6.41 6.83
C ALA A 130 -5.56 5.26 7.50
N ASN A 131 -6.02 4.31 6.69
CA ASN A 131 -6.45 3.02 7.16
C ASN A 131 -7.67 2.98 8.13
N TYR A 132 -8.53 3.96 8.06
CA TYR A 132 -9.62 3.97 9.01
C TYR A 132 -10.66 2.85 8.82
N LYS A 133 -10.69 2.23 7.65
CA LYS A 133 -11.72 1.25 7.43
C LYS A 133 -11.55 0.01 8.31
N ASN A 134 -10.32 -0.32 8.69
CA ASN A 134 -10.03 -1.44 9.60
C ASN A 134 -9.88 -0.93 11.04
N THR A 135 -10.90 -0.20 11.47
CA THR A 135 -10.76 0.60 12.66
C THR A 135 -12.13 0.68 13.27
N VAL A 136 -12.19 0.83 14.57
CA VAL A 136 -13.45 1.11 15.23
C VAL A 136 -14.21 2.31 14.62
N LEU A 137 -13.54 3.44 14.35
CA LEU A 137 -14.22 4.60 13.73
C LEU A 137 -15.01 4.29 12.48
N ALA A 138 -14.72 3.19 11.79
CA ALA A 138 -15.43 2.90 10.54
C ALA A 138 -16.92 2.94 10.84
N GLU A 139 -17.28 2.21 11.88
CA GLU A 139 -18.61 2.16 12.47
C GLU A 139 -19.21 3.55 12.80
N VAL A 140 -18.43 4.46 13.36
CA VAL A 140 -18.89 5.81 13.68
C VAL A 140 -19.26 6.70 12.47
N LEU A 141 -18.50 6.61 11.37
CA LEU A 141 -18.64 7.53 10.22
C LEU A 141 -19.84 7.25 9.33
N PRO A 142 -20.42 8.33 8.76
CA PRO A 142 -21.58 8.25 7.91
C PRO A 142 -21.26 7.82 6.48
N VAL A 143 -19.97 7.54 6.22
CA VAL A 143 -19.48 6.99 4.91
C VAL A 143 -18.83 5.60 4.99
N ASP A 144 -18.99 4.82 3.91
CA ASP A 144 -18.16 3.64 3.70
C ASP A 144 -16.91 4.03 2.94
N MSE A 145 -15.79 3.40 3.30
CA MSE A 145 -14.48 3.65 2.71
C MSE A 145 -14.03 2.55 1.78
O MSE A 145 -14.45 1.41 1.88
CB MSE A 145 -13.45 3.86 3.82
CG MSE A 145 -13.44 5.27 4.38
SE MSE A 145 -12.68 5.32 6.15
CE MSE A 145 -14.06 4.49 7.22
N LEU A 146 -13.15 2.91 0.86
CA LEU A 146 -12.58 1.97 -0.09
C LEU A 146 -11.43 1.14 0.53
N ASP A 147 -11.25 -0.07 0.02
CA ASP A 147 -10.10 -0.88 0.31
C ASP A 147 -8.82 -0.30 -0.30
N VAL A 148 -8.90 0.34 -1.44
CA VAL A 148 -7.72 0.80 -2.15
C VAL A 148 -7.49 2.28 -1.84
N ASP A 149 -6.35 2.81 -2.28
CA ASP A 149 -6.07 4.22 -2.30
C ASP A 149 -7.28 5.09 -2.74
N ASP A 150 -7.78 5.81 -1.77
CA ASP A 150 -8.84 6.81 -1.81
C ASP A 150 -8.74 8.02 -2.71
N ARG A 151 -7.56 8.41 -3.16
CA ARG A 151 -7.52 9.81 -3.64
C ARG A 151 -8.19 9.87 -4.99
N VAL A 152 -8.87 10.99 -5.27
CA VAL A 152 -9.24 11.34 -6.62
C VAL A 152 -8.56 12.67 -6.84
N GLU A 153 -7.55 12.68 -7.72
CA GLU A 153 -6.76 13.89 -7.93
C GLU A 153 -7.42 14.61 -9.07
N LEU A 154 -7.56 15.91 -8.88
CA LEU A 154 -8.25 16.80 -9.80
C LEU A 154 -7.31 17.94 -10.08
N PRO A 155 -6.28 17.68 -10.88
CA PRO A 155 -5.39 18.79 -11.11
C PRO A 155 -6.11 19.95 -11.79
N GLN A 156 -7.17 19.64 -12.54
CA GLN A 156 -7.91 20.64 -13.32
C GLN A 156 -8.90 21.34 -12.43
N GLY A 157 -9.15 20.76 -11.27
CA GLY A 157 -10.04 21.36 -10.32
C GLY A 157 -11.45 21.00 -10.70
N CYS A 158 -12.34 20.96 -9.74
CA CYS A 158 -13.68 20.63 -10.06
C CYS A 158 -14.55 21.33 -9.06
N LYS A 159 -15.67 21.89 -9.53
CA LYS A 159 -16.65 22.57 -8.66
C LYS A 159 -17.70 21.61 -8.13
N ALA A 160 -17.88 21.68 -6.81
CA ALA A 160 -18.86 20.87 -6.13
C ALA A 160 -20.22 21.50 -6.34
N VAL A 161 -21.23 20.66 -6.43
CA VAL A 161 -22.61 21.16 -6.39
C VAL A 161 -23.38 20.65 -5.17
N ASN A 162 -24.00 21.58 -4.45
CA ASN A 162 -25.07 21.32 -3.46
C ASN A 162 -26.16 20.34 -3.91
N THR A 163 -26.83 19.77 -2.94
CA THR A 163 -27.73 18.68 -3.19
C THR A 163 -29.11 19.28 -2.99
N ALA A 164 -30.17 18.55 -3.35
CA ALA A 164 -31.56 19.04 -3.12
C ALA A 164 -31.87 19.28 -1.62
N VAL A 165 -31.40 18.40 -0.73
CA VAL A 165 -31.58 18.57 0.73
C VAL A 165 -31.29 20.02 1.20
N GLU A 166 -32.30 20.63 1.82
CA GLU A 166 -32.18 21.98 2.38
C GLU A 166 -31.44 21.91 3.71
N HIS A 167 -30.52 22.84 3.95
CA HIS A 167 -29.69 22.80 5.18
C HIS A 167 -29.01 24.12 5.50
N VAL A 168 -28.83 24.32 6.78
CA VAL A 168 -28.26 25.53 7.30
C VAL A 168 -26.86 25.79 6.74
N ILE A 169 -26.06 24.74 6.61
CA ILE A 169 -24.66 24.87 6.15
C ILE A 169 -24.63 25.37 4.71
N THR A 170 -25.64 24.94 3.96
CA THR A 170 -25.67 24.96 2.52
C THR A 170 -26.48 26.11 1.91
N GLN A 171 -27.24 26.83 2.74
CA GLN A 171 -28.12 27.90 2.21
C GLN A 171 -27.30 29.01 1.52
N PRO A 172 -26.41 29.66 2.29
CA PRO A 172 -25.76 30.92 1.91
C PRO A 172 -24.99 30.96 0.56
N PHE A 173 -24.87 29.81 -0.12
CA PHE A 173 -24.16 29.72 -1.41
C PHE A 173 -24.77 28.63 -2.28
N SER A 174 -24.49 28.69 -3.57
CA SER A 174 -24.93 27.61 -4.49
C SER A 174 -23.81 27.06 -5.36
N GLU A 175 -22.87 27.94 -5.70
CA GLU A 175 -21.68 27.62 -6.49
C GLU A 175 -20.42 27.52 -5.60
N TRP A 176 -19.70 26.41 -5.77
CA TRP A 176 -18.48 26.11 -4.99
C TRP A 176 -17.20 26.55 -5.70
N PRO A 177 -16.17 26.92 -4.93
CA PRO A 177 -14.87 27.14 -5.61
C PRO A 177 -14.26 25.77 -5.97
N PRO A 178 -13.32 25.75 -6.93
CA PRO A 178 -12.81 24.42 -7.30
C PRO A 178 -11.89 23.84 -6.20
N LEU A 179 -11.95 22.52 -6.02
CA LEU A 179 -11.01 21.82 -5.15
C LEU A 179 -10.15 20.96 -6.06
N LEU A 180 -8.90 20.66 -5.65
CA LEU A 180 -7.96 19.89 -6.45
C LEU A 180 -7.91 18.37 -6.19
N GLY A 181 -8.73 17.89 -5.25
CA GLY A 181 -8.90 16.47 -5.09
C GLY A 181 -9.76 16.18 -3.87
N TYR A 182 -10.10 14.91 -3.66
CA TYR A 182 -10.87 14.53 -2.50
C TYR A 182 -10.71 13.02 -2.29
N ASN A 183 -11.15 12.59 -1.13
CA ASN A 183 -11.28 11.18 -0.83
C ASN A 183 -12.62 10.66 -1.35
N LYS A 184 -12.58 9.55 -2.06
CA LYS A 184 -13.75 9.00 -2.68
C LYS A 184 -14.38 8.16 -1.62
N LEU A 185 -15.65 8.46 -1.33
CA LEU A 185 -16.51 7.80 -0.38
C LEU A 185 -17.88 7.44 -0.96
N ILE A 186 -18.62 6.67 -0.18
CA ILE A 186 -19.95 6.20 -0.53
C ILE A 186 -20.84 6.55 0.66
N ALA A 187 -21.98 7.18 0.42
CA ALA A 187 -22.90 7.46 1.56
C ALA A 187 -23.52 6.17 2.14
N LYS A 188 -23.54 6.05 3.46
CA LYS A 188 -24.27 4.95 4.10
C LYS A 188 -25.81 5.19 4.05
N GLU A 189 -26.63 4.18 4.32
CA GLU A 189 -28.10 4.36 4.29
C GLU A 189 -28.70 5.51 5.13
N ASN A 190 -28.56 5.46 6.45
CA ASN A 190 -29.23 6.50 7.21
C ASN A 190 -28.31 7.68 7.42
N SER A 191 -28.24 8.46 6.36
CA SER A 191 -27.24 9.53 6.22
C SER A 191 -27.60 10.50 5.10
N GLN A 192 -27.26 11.76 5.30
CA GLN A 192 -27.72 12.77 4.36
C GLN A 192 -26.55 13.54 3.74
N VAL A 193 -26.52 13.52 2.40
CA VAL A 193 -25.47 14.10 1.59
C VAL A 193 -25.87 15.52 1.23
N LEU A 194 -25.07 16.49 1.63
CA LEU A 194 -25.42 17.86 1.44
C LEU A 194 -24.73 18.55 0.26
N ALA A 195 -23.77 17.88 -0.40
CA ALA A 195 -22.94 18.46 -1.47
C ALA A 195 -22.23 17.34 -2.14
N GLU A 196 -21.91 17.50 -3.42
CA GLU A 196 -21.20 16.46 -4.16
C GLU A 196 -20.12 17.03 -5.08
N ILE A 197 -19.13 16.22 -5.39
CA ILE A 197 -18.01 16.66 -6.22
C ILE A 197 -17.80 15.54 -7.21
N ASN A 198 -17.49 15.87 -8.46
CA ASN A 198 -17.20 14.89 -9.51
C ASN A 198 -18.08 13.66 -9.38
N GLY A 199 -19.34 13.87 -9.01
CA GLY A 199 -20.36 12.81 -8.91
C GLY A 199 -20.13 11.84 -7.76
N ASP A 200 -19.53 12.34 -6.67
CA ASP A 200 -19.24 11.55 -5.48
C ASP A 200 -19.55 12.41 -4.28
N PRO A 201 -19.75 11.81 -3.09
CA PRO A 201 -20.05 12.59 -1.86
C PRO A 201 -19.00 13.58 -1.50
N LEU A 202 -19.38 14.74 -1.01
CA LEU A 202 -18.40 15.64 -0.52
C LEU A 202 -18.67 16.04 0.92
N LEU A 203 -19.95 16.18 1.28
CA LEU A 203 -20.35 16.59 2.62
C LEU A 203 -21.39 15.61 3.03
N VAL A 204 -21.05 14.78 4.01
CA VAL A 204 -21.97 13.77 4.44
C VAL A 204 -22.23 13.95 5.91
N MSE A 205 -23.52 13.94 6.23
CA MSE A 205 -24.00 14.06 7.59
C MSE A 205 -24.57 12.76 8.07
O MSE A 205 -25.12 11.96 7.30
CB MSE A 205 -25.07 15.11 7.64
CG MSE A 205 -24.90 15.97 8.80
SE MSE A 205 -23.55 17.22 8.26
CE MSE A 205 -23.02 17.75 10.08
N GLY A 206 -24.44 12.53 9.36
CA GLY A 206 -24.93 11.27 9.92
C GLY A 206 -25.01 11.38 11.43
N THR A 207 -25.31 10.27 12.09
CA THR A 207 -25.47 10.25 13.54
C THR A 207 -24.86 8.94 14.06
N TYR A 208 -24.29 8.97 15.26
CA TYR A 208 -23.79 7.76 15.88
C TYR A 208 -24.32 7.63 17.33
N HIS A 209 -25.34 6.79 17.48
CA HIS A 209 -26.22 6.81 18.66
C HIS A 209 -26.58 8.25 19.00
N LYS A 210 -26.17 8.75 20.16
CA LYS A 210 -26.60 10.09 20.58
C LYS A 210 -25.86 11.23 19.90
N GLY A 211 -24.88 10.89 19.05
CA GLY A 211 -23.97 11.88 18.48
C GLY A 211 -24.09 12.19 17.00
N LYS A 212 -23.68 13.40 16.66
CA LYS A 212 -23.64 13.86 15.25
C LYS A 212 -22.24 13.78 14.58
N VAL A 213 -22.18 13.15 13.41
CA VAL A 213 -20.92 12.98 12.66
C VAL A 213 -20.94 13.69 11.33
N CYS A 214 -19.78 14.24 10.96
CA CYS A 214 -19.65 14.85 9.65
C CYS A 214 -18.30 14.50 8.98
N CYS A 215 -18.40 14.16 7.69
CA CYS A 215 -17.27 13.91 6.83
C CYS A 215 -17.24 14.91 5.71
N PHE A 216 -16.10 15.55 5.55
CA PHE A 216 -15.86 16.44 4.44
C PHE A 216 -14.75 15.79 3.62
N ALA A 217 -15.01 15.54 2.34
CA ALA A 217 -14.18 14.62 1.53
C ALA A 217 -12.91 15.23 0.96
N SER A 218 -12.64 16.49 1.27
CA SER A 218 -11.51 17.20 0.70
C SER A 218 -10.73 17.78 1.84
N ASP A 219 -9.81 18.67 1.54
CA ASP A 219 -8.88 19.12 2.53
C ASP A 219 -9.25 20.56 2.80
N CYS A 220 -9.16 20.96 4.05
CA CYS A 220 -9.34 22.35 4.39
C CYS A 220 -8.07 23.18 4.07
N SER A 221 -7.08 22.57 3.43
CA SER A 221 -5.81 23.29 3.19
C SER A 221 -5.08 22.70 1.99
N PRO A 222 -3.90 23.21 1.64
CA PRO A 222 -3.20 22.72 0.44
C PRO A 222 -2.88 21.23 0.53
N HIS A 223 -2.76 20.51 -0.57
CA HIS A 223 -2.83 21.09 -1.89
C HIS A 223 -4.23 20.94 -2.50
N TRP A 224 -5.04 20.00 -2.00
CA TRP A 224 -6.43 19.94 -2.42
C TRP A 224 -7.23 21.21 -2.09
N GLY A 225 -6.97 21.79 -0.93
CA GLY A 225 -7.69 23.01 -0.55
C GLY A 225 -7.12 24.20 -1.29
N SER A 226 -7.76 24.56 -2.40
CA SER A 226 -7.19 25.50 -3.38
C SER A 226 -7.13 26.92 -2.85
N PRO A 227 -6.32 27.78 -3.46
CA PRO A 227 -6.33 29.14 -2.95
C PRO A 227 -7.70 29.80 -3.21
N GLN A 228 -8.41 29.37 -4.26
CA GLN A 228 -9.79 29.79 -4.48
C GLN A 228 -10.72 29.36 -3.33
N PHE A 229 -10.37 28.29 -2.64
CA PHE A 229 -11.22 27.73 -1.60
C PHE A 229 -10.99 28.53 -0.32
N LEU A 230 -9.74 28.81 0.01
CA LEU A 230 -9.38 29.57 1.21
C LEU A 230 -9.72 31.06 1.12
N GLN A 231 -9.83 31.59 -0.09
CA GLN A 231 -10.15 32.98 -0.24
C GLN A 231 -11.64 33.19 -0.51
N TRP A 232 -12.38 32.10 -0.66
CA TRP A 232 -13.84 32.11 -0.74
C TRP A 232 -14.48 33.06 0.27
N GLU A 233 -15.64 33.64 -0.07
CA GLU A 233 -16.30 34.52 0.89
C GLU A 233 -16.89 33.67 1.99
N HIS A 234 -17.47 32.54 1.57
CA HIS A 234 -18.20 31.63 2.44
C HIS A 234 -17.35 30.66 3.25
N TYR A 235 -16.02 30.79 3.14
CA TYR A 235 -15.10 29.83 3.74
C TYR A 235 -15.28 29.72 5.25
N ALA A 236 -15.05 30.81 5.99
CA ALA A 236 -15.14 30.80 7.47
C ALA A 236 -16.51 30.34 8.00
N THR A 237 -17.56 31.03 7.57
CA THR A 237 -18.90 30.68 7.94
C THR A 237 -19.20 29.21 7.61
N PHE A 238 -18.63 28.72 6.52
CA PHE A 238 -18.96 27.38 6.16
C PHE A 238 -18.53 26.39 7.24
N TRP A 239 -17.36 26.61 7.84
CA TRP A 239 -16.84 25.68 8.84
C TRP A 239 -17.54 25.89 10.16
N CYS A 240 -17.68 27.15 10.56
CA CYS A 240 -18.49 27.46 11.72
C CYS A 240 -19.85 26.75 11.66
N ASN A 241 -20.56 26.87 10.54
CA ASN A 241 -21.82 26.16 10.41
C ASN A 241 -21.68 24.65 10.56
N VAL A 242 -20.59 24.08 10.05
CA VAL A 242 -20.42 22.63 10.08
C VAL A 242 -20.32 22.20 11.55
N LEU A 243 -19.56 23.00 12.29
CA LEU A 243 -19.32 22.76 13.69
C LEU A 243 -20.60 22.95 14.50
N HIS A 244 -21.19 24.15 14.47
CA HIS A 244 -22.51 24.32 15.08
C HIS A 244 -23.48 23.17 14.71
N THR A 245 -23.52 22.74 13.47
CA THR A 245 -24.38 21.61 13.11
C THR A 245 -24.13 20.34 13.94
N ILE A 246 -22.88 20.06 14.29
CA ILE A 246 -22.56 18.88 15.12
C ILE A 246 -22.42 19.13 16.63
N LYS A 247 -22.66 20.37 17.09
CA LYS A 247 -22.61 20.68 18.53
C LYS A 247 -23.46 19.69 19.35
N LYS A 248 -22.85 19.17 20.42
CA LYS A 248 -23.41 18.02 21.16
C LYS A 248 -24.74 18.28 21.94
N MSE B 4 13.88 -33.26 17.30
CA MSE B 4 13.59 -32.69 15.94
C MSE B 4 14.54 -31.59 15.51
O MSE B 4 15.06 -30.87 16.35
CB MSE B 4 12.12 -32.25 15.78
CG MSE B 4 11.59 -31.20 16.74
SE MSE B 4 9.67 -30.81 16.44
CE MSE B 4 9.63 -30.27 14.57
N LYS B 5 14.79 -31.48 14.21
CA LYS B 5 15.59 -30.40 13.61
C LYS B 5 14.66 -29.44 12.81
N ILE B 6 14.73 -28.14 13.10
CA ILE B 6 13.92 -27.16 12.41
C ILE B 6 14.77 -26.06 11.79
N LEU B 7 14.23 -25.45 10.73
CA LEU B 7 14.79 -24.24 10.13
C LEU B 7 13.97 -23.08 10.62
N PHE B 8 14.64 -22.11 11.19
CA PHE B 8 13.89 -21.01 11.73
C PHE B 8 14.33 -19.72 11.02
N ILE B 9 13.40 -19.16 10.24
CA ILE B 9 13.71 -17.98 9.49
C ILE B 9 13.10 -16.73 10.14
N GLY B 10 13.99 -15.82 10.55
CA GLY B 10 13.57 -14.59 11.21
C GLY B 10 14.65 -13.54 11.14
N GLU B 11 14.42 -12.36 11.72
CA GLU B 11 15.48 -11.37 11.87
C GLU B 11 15.22 -10.21 12.77
N SER B 12 16.31 -9.57 13.15
CA SER B 12 16.24 -8.30 13.81
C SER B 12 15.89 -7.20 12.86
N TRP B 13 15.04 -6.30 13.31
CA TRP B 13 14.74 -5.08 12.57
C TRP B 13 15.97 -4.26 12.55
N HIS B 14 16.34 -3.68 11.41
CA HIS B 14 17.39 -2.67 11.38
C HIS B 14 16.69 -1.30 11.58
N ILE B 15 17.28 -0.34 12.29
CA ILE B 15 16.58 0.93 12.53
C ILE B 15 17.44 2.06 12.09
N HIS B 16 16.91 2.87 11.20
CA HIS B 16 17.68 4.03 10.74
C HIS B 16 16.95 5.28 11.05
N MSE B 17 17.59 6.17 11.80
CA MSE B 17 16.88 7.29 12.40
C MSE B 17 17.38 8.59 11.89
O MSE B 17 18.55 8.92 12.08
CB MSE B 17 17.03 7.20 13.93
CG MSE B 17 15.88 7.71 14.75
SE MSE B 17 15.93 7.14 16.72
CE MSE B 17 15.79 5.23 16.41
N ILE B 18 16.53 9.32 11.19
CA ILE B 18 16.88 10.69 10.75
C ILE B 18 16.36 11.67 11.79
N HIS B 19 17.24 12.50 12.36
CA HIS B 19 16.84 13.54 13.33
C HIS B 19 16.98 14.94 12.74
N SER B 20 15.87 15.64 12.59
CA SER B 20 15.87 16.96 11.92
C SER B 20 15.53 18.10 12.86
N LYS B 21 16.22 19.21 12.72
CA LYS B 21 15.80 20.42 13.46
C LYS B 21 16.13 21.59 12.59
N GLY B 22 15.10 22.34 12.21
CA GLY B 22 15.32 23.47 11.33
C GLY B 22 15.88 22.91 10.04
N PHE B 23 16.87 23.59 9.45
CA PHE B 23 17.46 23.14 8.21
C PHE B 23 18.07 21.76 8.35
N ASP B 24 18.65 21.52 9.54
CA ASP B 24 19.67 20.48 9.64
C ASP B 24 19.16 19.09 10.07
N SER B 25 19.99 18.08 9.82
CA SER B 25 19.68 16.70 10.23
C SER B 25 20.91 15.96 10.63
N PHE B 26 20.76 15.05 11.57
CA PHE B 26 21.75 13.97 11.62
C PHE B 26 21.08 12.62 11.79
N THR B 27 21.81 11.54 11.60
CA THR B 27 21.19 10.25 11.77
C THR B 27 21.75 9.44 12.94
N SER B 28 20.97 8.50 13.42
CA SER B 28 21.52 7.48 14.31
C SER B 28 20.93 6.15 13.83
N SER B 29 21.63 5.04 14.01
CA SER B 29 21.14 3.72 13.57
C SER B 29 21.35 2.68 14.63
N LYS B 30 20.54 1.66 14.59
CA LYS B 30 20.71 0.50 15.49
C LYS B 30 19.88 -0.71 15.06
N TYR B 31 19.88 -1.80 15.86
CA TYR B 31 19.07 -3.01 15.59
C TYR B 31 18.10 -3.36 16.74
N GLU B 32 17.24 -4.34 16.58
CA GLU B 32 16.22 -4.49 17.59
C GLU B 32 16.17 -5.81 18.32
N GLU B 33 16.76 -6.85 17.76
CA GLU B 33 16.73 -8.18 18.46
C GLU B 33 15.45 -8.87 18.14
N GLY B 34 15.58 -10.02 17.50
CA GLY B 34 14.41 -10.80 17.11
C GLY B 34 13.77 -11.60 18.25
N ALA B 35 13.98 -12.90 18.18
CA ALA B 35 13.21 -13.85 18.96
C ALA B 35 14.20 -14.75 19.63
N ASP B 36 15.22 -14.12 20.21
CA ASP B 36 16.28 -14.84 20.89
C ASP B 36 15.59 -15.62 22.00
N TYR B 37 14.65 -14.97 22.69
CA TYR B 37 13.92 -15.63 23.74
C TYR B 37 13.19 -16.90 23.25
N LEU B 38 12.42 -16.81 22.17
CA LEU B 38 11.78 -18.00 21.62
C LEU B 38 12.79 -19.07 21.21
N LEU B 39 13.94 -18.65 20.69
CA LEU B 39 14.98 -19.61 20.32
C LEU B 39 15.58 -20.29 21.56
N SER B 40 15.78 -19.49 22.60
CA SER B 40 16.15 -20.00 23.90
C SER B 40 15.16 -21.08 24.32
N CYS B 41 13.87 -20.79 24.27
CA CYS B 41 12.91 -21.74 24.80
C CYS B 41 12.97 -23.03 24.04
N LEU B 42 13.17 -22.91 22.73
CA LEU B 42 13.17 -24.06 21.85
C LEU B 42 14.39 -24.98 22.06
N ARG B 43 15.55 -24.38 22.34
CA ARG B 43 16.73 -25.17 22.76
C ARG B 43 16.57 -25.80 24.14
N GLN B 44 15.92 -25.10 25.07
CA GLN B 44 15.53 -25.67 26.37
C GLN B 44 14.64 -26.92 26.23
N GLY B 45 13.54 -26.84 25.47
CA GLY B 45 12.79 -28.03 25.05
C GLY B 45 13.75 -28.89 24.25
N ASN B 46 13.30 -30.01 23.70
CA ASN B 46 14.23 -30.82 22.91
C ASN B 46 14.96 -29.99 21.84
N ILE B 47 14.20 -29.15 21.13
CA ILE B 47 14.46 -28.78 19.74
C ILE B 47 15.86 -28.24 19.31
N ASP B 48 16.37 -28.80 18.21
CA ASP B 48 17.65 -28.46 17.59
C ASP B 48 17.31 -27.52 16.44
N VAL B 49 17.80 -26.28 16.53
CA VAL B 49 17.40 -25.21 15.61
C VAL B 49 18.51 -24.64 14.70
N ASP B 50 18.23 -24.56 13.40
CA ASP B 50 19.05 -23.75 12.50
C ASP B 50 18.36 -22.42 12.26
N TYR B 51 18.96 -21.36 12.82
CA TYR B 51 18.53 -20.01 12.59
C TYR B 51 19.02 -19.56 11.22
N MSE B 52 18.12 -19.05 10.40
CA MSE B 52 18.53 -18.48 9.15
C MSE B 52 18.07 -17.04 9.07
O MSE B 52 16.89 -16.75 8.88
CB MSE B 52 17.92 -19.27 8.02
CG MSE B 52 18.62 -18.98 6.73
SE MSE B 52 17.62 -19.73 5.29
CE MSE B 52 19.10 -20.00 4.04
N PRO B 53 19.00 -16.10 9.25
CA PRO B 53 18.59 -14.71 9.24
C PRO B 53 18.18 -14.29 7.84
N ALA B 54 17.48 -13.17 7.74
CA ALA B 54 17.04 -12.67 6.44
C ALA B 54 18.19 -12.50 5.51
N HIS B 55 19.34 -12.09 6.03
CA HIS B 55 20.50 -11.96 5.18
C HIS B 55 20.84 -13.29 4.53
N ILE B 56 20.72 -14.41 5.25
CA ILE B 56 21.21 -15.62 4.59
C ILE B 56 20.26 -15.99 3.47
N VAL B 57 18.97 -15.90 3.77
CA VAL B 57 17.92 -16.07 2.80
C VAL B 57 18.15 -15.25 1.52
N GLN B 58 18.50 -13.98 1.66
CA GLN B 58 18.80 -13.14 0.52
C GLN B 58 20.02 -13.57 -0.32
N THR B 59 20.92 -14.38 0.26
CA THR B 59 22.25 -14.62 -0.37
C THR B 59 22.55 -16.09 -0.54
N ARG B 60 22.09 -16.91 0.41
CA ARG B 60 22.45 -18.34 0.42
C ARG B 60 21.29 -19.29 0.55
N PHE B 61 20.09 -18.92 0.10
CA PHE B 61 18.95 -19.78 0.30
C PHE B 61 19.10 -21.10 -0.42
N PRO B 62 18.62 -22.19 0.19
CA PRO B 62 18.89 -23.49 -0.47
C PRO B 62 18.17 -23.62 -1.80
N GLN B 63 18.81 -24.21 -2.80
CA GLN B 63 18.21 -24.26 -4.14
C GLN B 63 17.62 -25.62 -4.51
N THR B 64 17.46 -26.50 -3.52
CA THR B 64 17.31 -27.95 -3.73
C THR B 64 16.38 -28.50 -2.65
N ALA B 65 15.40 -29.31 -3.02
CA ALA B 65 14.50 -29.91 -2.01
C ALA B 65 15.27 -30.73 -0.96
N GLU B 66 16.30 -31.43 -1.44
CA GLU B 66 17.12 -32.30 -0.60
C GLU B 66 17.75 -31.46 0.52
N ALA B 67 18.17 -30.24 0.15
CA ALA B 67 18.78 -29.32 1.11
C ALA B 67 17.84 -28.98 2.25
N LEU B 68 16.54 -29.10 2.00
CA LEU B 68 15.51 -28.80 3.00
C LEU B 68 14.91 -30.05 3.67
N ALA B 69 15.37 -31.23 3.25
CA ALA B 69 14.75 -32.51 3.63
C ALA B 69 15.11 -32.92 5.05
N CYS B 70 16.33 -32.59 5.45
CA CYS B 70 16.75 -32.91 6.81
C CYS B 70 16.00 -32.10 7.89
N TYR B 71 15.11 -31.18 7.50
CA TYR B 71 14.36 -30.41 8.52
C TYR B 71 13.00 -30.99 8.75
N ASP B 72 12.65 -31.16 10.01
CA ASP B 72 11.38 -31.73 10.38
C ASP B 72 10.29 -30.72 10.24
N ALA B 73 10.67 -29.45 10.26
CA ALA B 73 9.71 -28.35 10.12
C ALA B 73 10.44 -27.07 9.80
N ILE B 74 9.74 -26.14 9.16
CA ILE B 74 10.29 -24.82 8.89
C ILE B 74 9.45 -23.75 9.57
N VAL B 75 10.10 -22.75 10.12
CA VAL B 75 9.36 -21.62 10.70
C VAL B 75 9.69 -20.35 9.98
N ILE B 76 8.66 -19.59 9.61
CA ILE B 76 8.87 -18.26 9.03
C ILE B 76 8.25 -17.29 9.98
N SER B 77 9.05 -16.41 10.56
CA SER B 77 8.54 -15.45 11.54
C SER B 77 8.74 -14.02 11.09
N ASP B 78 7.65 -13.33 10.79
CA ASP B 78 7.67 -11.92 10.43
C ASP B 78 8.72 -11.57 9.31
N ILE B 79 8.88 -12.40 8.29
CA ILE B 79 9.57 -11.98 7.08
C ILE B 79 8.59 -11.95 5.93
N GLY B 80 8.45 -10.78 5.28
CA GLY B 80 7.70 -10.70 4.02
C GLY B 80 8.23 -11.45 2.81
N SER B 81 7.32 -11.75 1.88
CA SER B 81 7.60 -12.60 0.74
C SER B 81 8.63 -12.05 -0.19
N ASN B 82 8.73 -10.71 -0.24
CA ASN B 82 9.65 -10.04 -1.13
C ASN B 82 11.05 -10.58 -0.84
N THR B 83 11.33 -10.80 0.46
CA THR B 83 12.61 -11.27 0.90
C THR B 83 12.95 -12.61 0.30
N PHE B 84 11.94 -13.46 0.13
CA PHE B 84 12.14 -14.81 -0.43
C PHE B 84 12.15 -14.80 -1.95
N LEU B 85 11.34 -13.92 -2.55
CA LEU B 85 11.17 -13.89 -4.01
C LEU B 85 12.18 -12.96 -4.73
N LEU B 86 12.71 -11.97 -3.99
CA LEU B 86 13.61 -11.03 -4.59
C LEU B 86 15.00 -11.15 -4.00
N GLN B 87 15.55 -12.34 -4.06
CA GLN B 87 16.87 -12.54 -3.47
C GLN B 87 17.90 -11.62 -4.17
N ASN B 88 19.06 -11.40 -3.57
CA ASN B 88 20.01 -10.44 -4.16
C ASN B 88 20.43 -10.81 -5.61
N ARG B 89 20.64 -12.08 -5.85
CA ARG B 89 21.01 -12.46 -7.18
C ARG B 89 19.91 -12.17 -8.21
N THR B 90 18.63 -12.29 -7.81
CA THR B 90 17.51 -12.08 -8.70
C THR B 90 17.36 -10.59 -8.91
N PHE B 91 17.31 -9.86 -7.81
CA PHE B 91 17.01 -8.47 -7.88
C PHE B 91 18.13 -7.60 -8.41
N TYR B 92 19.37 -7.91 -8.07
CA TYR B 92 20.50 -7.07 -8.46
C TYR B 92 21.36 -7.65 -9.59
N ASN B 93 21.42 -8.98 -9.77
CA ASN B 93 22.16 -9.54 -10.92
C ASN B 93 21.36 -10.08 -12.08
N MSE B 94 20.12 -10.46 -11.83
CA MSE B 94 19.30 -10.97 -12.93
C MSE B 94 19.83 -12.35 -13.27
O MSE B 94 19.81 -12.76 -14.42
CB MSE B 94 19.44 -10.06 -14.19
CG MSE B 94 19.04 -8.54 -14.06
SE MSE B 94 17.77 -8.08 -15.54
CE MSE B 94 19.08 -8.09 -17.05
N ASP B 95 20.35 -13.05 -12.28
CA ASP B 95 20.58 -14.46 -12.44
C ASP B 95 19.23 -15.10 -12.37
N ILE B 96 19.11 -16.33 -12.86
CA ILE B 96 17.88 -17.09 -12.80
C ILE B 96 18.00 -18.09 -11.68
N ILE B 97 17.06 -18.06 -10.75
CA ILE B 97 17.15 -18.67 -9.43
C ILE B 97 15.82 -19.39 -9.13
N PRO B 98 15.84 -20.55 -8.45
CA PRO B 98 14.55 -21.14 -8.05
C PRO B 98 13.67 -20.28 -7.15
N ASP B 99 12.36 -20.26 -7.41
CA ASP B 99 11.33 -19.76 -6.51
C ASP B 99 11.46 -20.41 -5.14
N ALA B 100 11.85 -19.62 -4.15
CA ALA B 100 12.17 -20.17 -2.85
C ALA B 100 10.93 -20.65 -2.15
N LEU B 101 9.86 -19.88 -2.28
CA LEU B 101 8.52 -20.18 -1.76
C LEU B 101 7.89 -21.48 -2.34
N GLN B 102 8.19 -21.78 -3.60
CA GLN B 102 7.77 -23.00 -4.22
C GLN B 102 8.55 -24.18 -3.64
N LEU B 103 9.85 -24.02 -3.43
CA LEU B 103 10.63 -24.99 -2.66
C LEU B 103 10.00 -25.32 -1.31
N ILE B 104 9.65 -24.30 -0.53
CA ILE B 104 9.05 -24.53 0.77
C ILE B 104 7.76 -25.35 0.67
N ALA B 105 6.94 -25.02 -0.33
CA ALA B 105 5.60 -25.58 -0.51
C ALA B 105 5.72 -27.03 -0.99
N ASP B 106 6.70 -27.26 -1.86
CA ASP B 106 7.07 -28.59 -2.27
C ASP B 106 7.51 -29.42 -1.10
N TYR B 107 8.14 -28.77 -0.12
CA TYR B 107 8.80 -29.45 0.99
C TYR B 107 7.73 -29.90 1.95
N VAL B 108 6.73 -29.04 2.12
CA VAL B 108 5.59 -29.34 2.94
C VAL B 108 4.78 -30.48 2.33
N ALA B 109 4.45 -30.37 1.04
CA ALA B 109 3.70 -31.42 0.35
C ALA B 109 4.30 -32.85 0.55
N GLU B 110 5.58 -32.94 0.90
CA GLU B 110 6.27 -34.21 1.09
C GLU B 110 6.36 -34.58 2.55
N GLY B 111 5.55 -33.93 3.40
CA GLY B 111 5.53 -34.22 4.83
C GLY B 111 6.15 -33.19 5.76
N GLY B 112 7.01 -32.33 5.24
CA GLY B 112 7.65 -31.28 6.05
C GLY B 112 6.64 -30.42 6.78
N GLY B 113 6.95 -29.98 8.00
CA GLY B 113 6.03 -29.05 8.65
C GLY B 113 6.33 -27.56 8.45
N LEU B 114 5.30 -26.73 8.49
CA LEU B 114 5.53 -25.29 8.38
C LEU B 114 4.78 -24.50 9.40
N LEU B 115 5.44 -23.55 10.04
CA LEU B 115 4.75 -22.64 10.94
C LEU B 115 4.98 -21.19 10.53
N MSE B 116 3.92 -20.47 10.24
CA MSE B 116 4.09 -19.02 9.99
C MSE B 116 3.65 -18.27 11.23
O MSE B 116 2.50 -18.38 11.67
CB MSE B 116 3.34 -18.53 8.71
CG MSE B 116 3.25 -17.00 8.62
SE MSE B 116 2.88 -16.22 6.86
CE MSE B 116 4.56 -16.75 6.02
N ILE B 117 4.57 -17.52 11.79
CA ILE B 117 4.24 -16.67 12.95
C ILE B 117 4.00 -15.21 12.50
N GLY B 118 2.89 -14.64 12.91
CA GLY B 118 2.51 -13.29 12.50
C GLY B 118 3.39 -12.18 12.98
N GLY B 119 2.99 -10.97 12.60
CA GLY B 119 3.69 -9.71 12.75
C GLY B 119 3.39 -8.86 11.51
N TYR B 120 3.79 -7.59 11.56
CA TYR B 120 3.85 -6.63 10.44
C TYR B 120 4.37 -7.13 9.04
N LEU B 121 5.20 -8.18 9.03
CA LEU B 121 5.69 -8.72 7.79
C LEU B 121 5.28 -10.19 7.60
N SER B 122 4.08 -10.51 8.10
CA SER B 122 3.53 -11.83 7.93
C SER B 122 2.21 -11.73 7.21
N PHE B 123 1.79 -12.85 6.57
CA PHE B 123 0.49 -12.87 5.91
C PHE B 123 0.39 -11.65 5.02
N THR B 124 -0.55 -10.76 5.29
CA THR B 124 -0.68 -9.63 4.38
C THR B 124 0.19 -8.52 4.86
N GLY B 125 0.11 -8.15 6.14
CA GLY B 125 1.12 -7.32 6.77
C GLY B 125 0.86 -5.83 6.68
N ILE B 126 1.61 -5.04 7.43
CA ILE B 126 1.45 -3.58 7.39
C ILE B 126 1.58 -3.07 5.95
N GLU B 127 0.60 -2.25 5.58
CA GLU B 127 0.59 -1.61 4.26
C GLU B 127 0.59 -2.66 3.16
N ALA B 128 0.21 -3.88 3.55
CA ALA B 128 0.07 -5.06 2.68
C ALA B 128 1.40 -5.44 2.03
N LYS B 129 2.49 -5.17 2.75
CA LYS B 129 3.83 -5.40 2.22
C LYS B 129 4.25 -6.81 2.40
N ALA B 130 3.66 -7.54 3.34
CA ALA B 130 4.12 -8.91 3.49
C ALA B 130 3.62 -9.64 2.26
N ASN B 131 2.39 -9.30 1.83
CA ASN B 131 1.89 -9.68 0.51
C ASN B 131 1.86 -11.18 0.21
N TYR B 132 1.66 -12.05 1.20
CA TYR B 132 1.68 -13.54 0.96
C TYR B 132 0.58 -14.11 0.10
N LYS B 133 -0.58 -13.46 0.14
CA LYS B 133 -1.73 -13.81 -0.69
C LYS B 133 -1.40 -13.96 -2.18
N ASN B 134 -0.35 -13.34 -2.64
CA ASN B 134 -0.10 -13.29 -4.05
C ASN B 134 1.07 -14.17 -4.31
N THR B 135 1.15 -15.25 -3.57
CA THR B 135 2.41 -15.97 -3.62
C THR B 135 2.44 -17.42 -3.94
N VAL B 136 1.49 -18.24 -3.54
CA VAL B 136 1.78 -19.68 -3.78
C VAL B 136 1.80 -20.35 -2.47
N LEU B 137 2.41 -19.69 -1.50
CA LEU B 137 2.19 -20.05 -0.13
C LEU B 137 0.71 -19.88 0.24
N ALA B 138 0.00 -18.97 -0.45
CA ALA B 138 -1.40 -18.73 -0.12
C ALA B 138 -2.09 -20.08 -0.04
N GLU B 139 -1.91 -20.87 -1.09
CA GLU B 139 -2.41 -22.25 -1.19
C GLU B 139 -1.96 -23.24 -0.08
N VAL B 140 -0.83 -22.96 0.56
CA VAL B 140 -0.28 -23.83 1.57
C VAL B 140 -0.89 -23.53 2.94
N LEU B 141 -1.29 -22.29 3.21
CA LEU B 141 -1.65 -21.96 4.58
C LEU B 141 -3.08 -22.42 4.94
N PRO B 142 -3.32 -22.81 6.22
CA PRO B 142 -4.70 -23.15 6.57
C PRO B 142 -5.62 -21.95 6.67
N VAL B 143 -5.23 -20.78 6.13
CA VAL B 143 -6.03 -19.55 6.25
C VAL B 143 -6.13 -18.78 4.95
N ASP B 144 -7.17 -17.95 4.86
CA ASP B 144 -7.32 -17.02 3.76
C ASP B 144 -6.91 -15.65 4.29
N MSE B 145 -6.23 -14.91 3.43
CA MSE B 145 -5.81 -13.59 3.84
C MSE B 145 -6.62 -12.50 3.17
O MSE B 145 -7.22 -12.70 2.10
CB MSE B 145 -4.30 -13.41 3.60
CG MSE B 145 -3.42 -14.38 4.33
SE MSE B 145 -1.68 -14.49 3.51
CE MSE B 145 -1.81 -16.19 2.60
N LEU B 146 -6.63 -11.36 3.83
CA LEU B 146 -7.09 -10.11 3.29
C LEU B 146 -6.26 -9.47 2.15
N ASP B 147 -6.96 -8.62 1.40
CA ASP B 147 -6.38 -7.72 0.43
C ASP B 147 -5.71 -6.53 1.10
N VAL B 148 -6.29 -6.09 2.20
CA VAL B 148 -5.83 -4.87 2.85
C VAL B 148 -4.82 -5.12 3.97
N ASP B 149 -4.18 -4.05 4.40
CA ASP B 149 -3.37 -4.04 5.58
C ASP B 149 -4.10 -4.92 6.60
N ASP B 150 -3.33 -5.86 7.13
CA ASP B 150 -3.79 -6.95 7.93
C ASP B 150 -4.02 -6.56 9.40
N ARG B 151 -3.32 -5.52 9.87
CA ARG B 151 -3.14 -5.43 11.31
C ARG B 151 -4.43 -5.19 12.02
N VAL B 152 -4.59 -5.85 13.17
CA VAL B 152 -5.59 -5.38 14.12
C VAL B 152 -4.78 -4.93 15.30
N GLU B 153 -4.68 -3.62 15.46
CA GLU B 153 -3.91 -3.06 16.55
C GLU B 153 -4.77 -3.01 17.82
N LEU B 154 -4.21 -3.46 18.94
CA LEU B 154 -4.94 -3.58 20.21
C LEU B 154 -4.10 -3.00 21.33
N PRO B 155 -3.96 -1.67 21.38
CA PRO B 155 -3.18 -1.12 22.45
C PRO B 155 -3.71 -1.50 23.84
N GLN B 156 -5.04 -1.60 24.00
CA GLN B 156 -5.63 -1.94 25.31
C GLN B 156 -5.08 -3.26 25.75
N GLY B 157 -4.79 -4.13 24.77
CA GLY B 157 -4.57 -5.52 25.05
C GLY B 157 -5.85 -6.29 24.86
N CYS B 158 -5.74 -7.58 24.61
CA CYS B 158 -6.90 -8.39 24.44
C CYS B 158 -6.48 -9.84 24.61
N LYS B 159 -7.25 -10.61 25.38
CA LYS B 159 -6.85 -11.99 25.64
C LYS B 159 -7.66 -13.03 24.91
N ALA B 160 -6.96 -14.04 24.45
CA ALA B 160 -7.56 -15.06 23.62
C ALA B 160 -8.33 -16.06 24.45
N VAL B 161 -9.23 -16.78 23.81
CA VAL B 161 -9.92 -17.86 24.44
C VAL B 161 -9.60 -19.09 23.62
N ASN B 162 -9.39 -20.22 24.28
CA ASN B 162 -9.24 -21.48 23.60
C ASN B 162 -10.49 -21.95 22.94
N THR B 163 -10.37 -22.92 22.06
CA THR B 163 -11.54 -23.38 21.36
C THR B 163 -12.11 -24.67 22.01
N ALA B 164 -13.40 -24.92 21.77
CA ALA B 164 -14.03 -26.20 22.13
C ALA B 164 -13.19 -27.41 21.75
N VAL B 165 -12.51 -27.33 20.59
CA VAL B 165 -11.52 -28.35 20.14
C VAL B 165 -10.51 -28.63 21.26
N GLU B 166 -10.15 -29.91 21.39
CA GLU B 166 -9.21 -30.31 22.41
C GLU B 166 -7.96 -30.87 21.73
N HIS B 167 -6.81 -30.38 22.18
CA HIS B 167 -5.57 -30.56 21.47
C HIS B 167 -4.49 -30.46 22.48
N VAL B 168 -3.41 -31.21 22.23
CA VAL B 168 -2.20 -31.18 23.05
C VAL B 168 -1.69 -29.76 23.33
N ILE B 169 -1.74 -28.88 22.32
CA ILE B 169 -1.15 -27.52 22.41
C ILE B 169 -1.88 -26.68 23.42
N THR B 170 -3.16 -26.95 23.50
CA THR B 170 -4.10 -26.04 24.11
C THR B 170 -4.69 -26.62 25.38
N GLN B 171 -4.56 -27.94 25.55
CA GLN B 171 -4.97 -28.62 26.78
C GLN B 171 -4.43 -27.97 28.08
N PRO B 172 -3.09 -27.78 28.19
CA PRO B 172 -2.43 -27.41 29.44
C PRO B 172 -2.90 -26.12 30.14
N PHE B 173 -3.67 -25.28 29.46
CA PHE B 173 -3.99 -23.95 29.99
C PHE B 173 -5.34 -23.51 29.52
N SER B 174 -5.79 -22.38 30.03
CA SER B 174 -7.08 -21.86 29.66
C SER B 174 -7.05 -20.31 29.53
N GLU B 175 -6.49 -19.62 30.53
CA GLU B 175 -6.40 -18.16 30.46
C GLU B 175 -5.18 -17.74 29.60
N TRP B 176 -5.44 -17.00 28.51
CA TRP B 176 -4.35 -16.39 27.71
C TRP B 176 -3.81 -15.05 28.29
N PRO B 177 -2.50 -14.75 28.06
CA PRO B 177 -1.95 -13.41 28.39
C PRO B 177 -2.39 -12.38 27.34
N PRO B 178 -2.40 -11.08 27.70
CA PRO B 178 -2.76 -10.10 26.66
C PRO B 178 -1.71 -10.05 25.54
N LEU B 179 -2.24 -9.92 24.31
CA LEU B 179 -1.46 -9.68 23.10
C LEU B 179 -1.82 -8.28 22.66
N LEU B 180 -0.88 -7.57 22.05
CA LEU B 180 -1.17 -6.21 21.56
C LEU B 180 -1.58 -6.10 20.06
N GLY B 181 -1.68 -7.22 19.39
CA GLY B 181 -2.29 -7.17 18.09
C GLY B 181 -2.16 -8.46 17.34
N TYR B 182 -2.75 -8.51 16.14
CA TYR B 182 -2.64 -9.68 15.27
C TYR B 182 -3.04 -9.39 13.82
N ASN B 183 -2.69 -10.34 12.96
CA ASN B 183 -3.12 -10.33 11.58
C ASN B 183 -4.51 -10.96 11.47
N LYS B 184 -5.48 -10.23 10.92
CA LYS B 184 -6.84 -10.72 10.77
C LYS B 184 -6.84 -11.76 9.66
N LEU B 185 -7.22 -13.00 9.98
CA LEU B 185 -7.25 -14.11 9.02
C LEU B 185 -8.62 -14.77 8.93
N ILE B 186 -8.89 -15.54 7.90
CA ILE B 186 -10.10 -16.34 7.87
C ILE B 186 -9.69 -17.78 7.80
N ALA B 187 -10.30 -18.63 8.61
CA ALA B 187 -9.93 -20.04 8.59
C ALA B 187 -10.48 -20.71 7.32
N LYS B 188 -9.69 -21.54 6.69
CA LYS B 188 -10.18 -22.33 5.53
C LYS B 188 -11.09 -23.45 6.05
N GLU B 189 -12.03 -23.88 5.20
CA GLU B 189 -13.08 -24.86 5.50
C GLU B 189 -12.71 -26.06 6.38
N ASN B 190 -11.63 -26.73 6.01
CA ASN B 190 -11.30 -28.02 6.59
C ASN B 190 -10.12 -27.95 7.53
N SER B 191 -9.90 -26.77 8.07
CA SER B 191 -8.85 -26.53 9.06
C SER B 191 -9.45 -26.42 10.45
N GLN B 192 -8.58 -26.44 11.46
CA GLN B 192 -9.00 -26.35 12.86
C GLN B 192 -8.47 -25.11 13.56
N VAL B 193 -9.38 -24.34 14.11
CA VAL B 193 -9.07 -23.18 14.93
C VAL B 193 -8.98 -23.57 16.42
N LEU B 194 -7.83 -23.37 17.06
CA LEU B 194 -7.65 -23.75 18.46
C LEU B 194 -7.84 -22.62 19.44
N ALA B 195 -7.72 -21.39 19.00
CA ALA B 195 -8.00 -20.28 19.91
C ALA B 195 -8.37 -19.14 19.02
N GLU B 196 -8.95 -18.10 19.62
CA GLU B 196 -9.48 -16.96 18.91
C GLU B 196 -9.18 -15.71 19.70
N ILE B 197 -9.06 -14.57 19.02
CA ILE B 197 -8.70 -13.32 19.64
C ILE B 197 -9.57 -12.22 19.03
N ASN B 198 -10.29 -11.46 19.85
CA ASN B 198 -11.17 -10.42 19.36
C ASN B 198 -12.15 -11.00 18.35
N GLY B 199 -12.38 -12.29 18.44
CA GLY B 199 -13.39 -12.94 17.62
C GLY B 199 -12.83 -13.53 16.36
N ASP B 200 -11.54 -13.34 16.15
CA ASP B 200 -10.90 -13.77 14.93
C ASP B 200 -10.04 -14.94 15.30
N PRO B 201 -9.57 -15.70 14.31
CA PRO B 201 -8.72 -16.86 14.64
C PRO B 201 -7.28 -16.49 15.02
N LEU B 202 -6.68 -17.26 15.94
CA LEU B 202 -5.36 -16.99 16.49
C LEU B 202 -4.40 -18.11 16.15
N LEU B 203 -4.87 -19.34 16.30
CA LEU B 203 -4.04 -20.49 16.03
C LEU B 203 -4.83 -21.39 15.13
N VAL B 204 -4.29 -21.73 13.96
CA VAL B 204 -5.01 -22.57 13.04
C VAL B 204 -4.09 -23.70 12.53
N MSE B 205 -4.66 -24.91 12.37
CA MSE B 205 -3.93 -26.06 11.80
C MSE B 205 -4.61 -26.57 10.55
O MSE B 205 -5.84 -26.69 10.49
CB MSE B 205 -3.90 -27.25 12.74
CG MSE B 205 -3.64 -26.94 14.15
SE MSE B 205 -1.73 -26.82 14.42
CE MSE B 205 -1.95 -25.09 15.28
N GLY B 206 -3.81 -26.97 9.59
CA GLY B 206 -4.35 -27.57 8.41
C GLY B 206 -3.23 -28.46 7.93
N THR B 207 -3.49 -29.08 6.79
CA THR B 207 -2.50 -29.96 6.16
C THR B 207 -2.39 -29.46 4.75
N TYR B 208 -1.31 -29.79 4.06
CA TYR B 208 -1.19 -29.46 2.65
C TYR B 208 -0.53 -30.68 2.12
N HIS B 209 -1.33 -31.47 1.42
CA HIS B 209 -0.94 -32.81 1.01
C HIS B 209 -0.33 -33.56 2.24
N LYS B 210 0.91 -34.02 2.15
CA LYS B 210 1.45 -34.84 3.22
C LYS B 210 1.82 -34.11 4.51
N GLY B 211 1.96 -32.79 4.44
CA GLY B 211 2.61 -32.01 5.50
C GLY B 211 1.64 -31.25 6.37
N LYS B 212 2.11 -30.89 7.57
CA LYS B 212 1.27 -30.21 8.55
C LYS B 212 1.54 -28.69 8.58
N VAL B 213 0.49 -27.89 8.66
CA VAL B 213 0.68 -26.45 8.57
C VAL B 213 0.08 -25.73 9.74
N CYS B 214 0.80 -24.75 10.24
CA CYS B 214 0.27 -23.96 11.35
C CYS B 214 0.48 -22.44 11.25
N CYS B 215 -0.58 -21.69 11.51
CA CYS B 215 -0.51 -20.25 11.63
C CYS B 215 -0.85 -19.73 13.03
N PHE B 216 0.07 -18.96 13.56
CA PHE B 216 -0.20 -18.21 14.74
C PHE B 216 -0.36 -16.75 14.30
N ALA B 217 -1.49 -16.15 14.57
CA ALA B 217 -1.78 -14.80 14.07
C ALA B 217 -1.22 -13.59 14.79
N SER B 218 -0.55 -13.75 15.92
CA SER B 218 0.06 -12.60 16.60
C SER B 218 1.58 -12.74 16.49
N ASP B 219 2.34 -11.89 17.18
CA ASP B 219 3.78 -12.05 17.09
C ASP B 219 4.28 -12.86 18.29
N CYS B 220 5.37 -13.61 18.10
CA CYS B 220 6.06 -14.25 19.19
C CYS B 220 6.97 -13.30 19.94
N SER B 221 6.86 -11.99 19.69
CA SER B 221 7.76 -10.97 20.29
C SER B 221 7.18 -9.54 20.15
N PRO B 222 7.87 -8.54 20.72
CA PRO B 222 7.40 -7.14 20.80
C PRO B 222 7.13 -6.54 19.42
N HIS B 223 6.14 -5.65 19.32
CA HIS B 223 5.33 -5.18 20.41
C HIS B 223 3.99 -5.94 20.62
N TRP B 224 3.59 -6.80 19.68
CA TRP B 224 2.33 -7.50 19.86
C TRP B 224 2.43 -8.59 20.92
N GLY B 225 3.49 -9.38 20.82
CA GLY B 225 3.87 -10.31 21.88
C GLY B 225 4.26 -9.48 23.11
N SER B 226 3.30 -9.34 24.04
CA SER B 226 3.46 -8.47 25.20
C SER B 226 4.42 -9.02 26.24
N PRO B 227 5.00 -8.15 27.07
CA PRO B 227 5.84 -8.67 28.16
C PRO B 227 5.16 -9.85 28.87
N GLN B 228 3.86 -9.71 29.17
CA GLN B 228 3.10 -10.75 29.85
C GLN B 228 3.04 -12.07 29.11
N PHE B 229 3.07 -12.00 27.77
CA PHE B 229 3.02 -13.18 26.93
C PHE B 229 4.37 -13.86 26.96
N LEU B 230 5.44 -13.08 26.84
CA LEU B 230 6.80 -13.67 26.91
C LEU B 230 7.03 -14.28 28.29
N GLN B 231 6.59 -13.56 29.34
CA GLN B 231 6.63 -13.99 30.76
C GLN B 231 5.96 -15.34 30.97
N TRP B 232 4.64 -15.34 30.85
CA TRP B 232 3.77 -16.53 30.87
C TRP B 232 4.41 -17.91 31.11
N GLU B 233 3.90 -18.60 32.13
CA GLU B 233 4.40 -19.91 32.53
C GLU B 233 4.31 -20.90 31.39
N HIS B 234 3.29 -20.75 30.55
CA HIS B 234 3.05 -21.70 29.47
C HIS B 234 3.78 -21.43 28.13
N TYR B 235 4.53 -20.33 28.05
CA TYR B 235 5.06 -19.83 26.77
C TYR B 235 6.08 -20.77 26.17
N ALA B 236 7.07 -21.16 26.95
CA ALA B 236 8.08 -22.09 26.45
C ALA B 236 7.50 -23.42 25.94
N THR B 237 6.51 -23.98 26.65
CA THR B 237 6.01 -25.32 26.24
C THR B 237 4.99 -25.25 25.10
N PHE B 238 4.06 -24.28 25.19
CA PHE B 238 3.23 -23.86 24.05
C PHE B 238 4.03 -23.90 22.74
N TRP B 239 5.11 -23.12 22.66
CA TRP B 239 5.85 -23.11 21.39
C TRP B 239 6.37 -24.48 21.01
N CYS B 240 6.95 -25.22 21.94
CA CYS B 240 7.43 -26.58 21.64
C CYS B 240 6.32 -27.51 21.16
N ASN B 241 5.19 -27.50 21.85
CA ASN B 241 4.06 -28.36 21.43
C ASN B 241 3.67 -28.12 19.97
N VAL B 242 3.47 -26.85 19.61
CA VAL B 242 3.21 -26.44 18.25
C VAL B 242 4.22 -27.06 17.30
N LEU B 243 5.50 -26.89 17.60
CA LEU B 243 6.50 -27.48 16.76
C LEU B 243 6.35 -29.00 16.64
N HIS B 244 6.06 -29.67 17.75
CA HIS B 244 5.91 -31.12 17.76
C HIS B 244 4.63 -31.52 17.04
N THR B 245 3.61 -30.67 17.13
CA THR B 245 2.38 -30.94 16.46
C THR B 245 2.53 -30.96 14.94
N ILE B 246 3.64 -30.47 14.40
CA ILE B 246 3.76 -30.36 12.94
C ILE B 246 4.95 -31.14 12.45
N LYS B 247 5.66 -31.77 13.39
CA LYS B 247 6.81 -32.61 13.09
C LYS B 247 6.54 -33.58 11.94
N LYS B 248 7.56 -33.66 11.06
CA LYS B 248 7.58 -34.52 9.86
C LYS B 248 6.81 -35.87 10.05
N MSE C 4 7.19 7.43 -39.29
CA MSE C 4 6.48 7.20 -37.97
C MSE C 4 7.13 7.89 -36.79
O MSE C 4 8.33 7.75 -36.51
CB MSE C 4 6.27 5.71 -37.63
CG MSE C 4 5.35 5.53 -36.45
SE MSE C 4 5.03 3.68 -35.80
CE MSE C 4 3.72 4.15 -34.47
N LYS C 5 6.30 8.64 -36.08
CA LYS C 5 6.76 9.61 -35.12
C LYS C 5 6.07 9.30 -33.78
N ILE C 6 6.87 9.06 -32.71
CA ILE C 6 6.28 8.70 -31.41
C ILE C 6 6.85 9.46 -30.24
N LEU C 7 6.04 9.54 -29.19
CA LEU C 7 6.45 10.12 -27.95
C LEU C 7 6.61 9.00 -26.94
N PHE C 8 7.84 8.79 -26.50
CA PHE C 8 8.23 7.78 -25.50
C PHE C 8 8.48 8.41 -24.11
N ILE C 9 7.58 8.09 -23.19
CA ILE C 9 7.64 8.64 -21.83
C ILE C 9 8.22 7.60 -20.89
N GLY C 10 9.42 7.90 -20.38
CA GLY C 10 10.09 6.92 -19.52
C GLY C 10 11.18 7.60 -18.71
N GLU C 11 11.86 6.79 -17.90
CA GLU C 11 13.04 7.25 -17.22
C GLU C 11 13.83 6.20 -16.55
N SER C 12 15.12 6.53 -16.36
CA SER C 12 15.99 6.01 -15.31
C SER C 12 15.47 6.15 -13.90
N TRP C 13 15.66 5.08 -13.14
CA TRP C 13 15.51 5.08 -11.71
C TRP C 13 16.64 5.84 -11.06
N HIS C 14 16.33 6.55 -10.01
CA HIS C 14 17.36 7.19 -9.27
C HIS C 14 17.53 6.32 -8.04
N ILE C 15 18.77 6.12 -7.58
CA ILE C 15 18.97 5.27 -6.42
C ILE C 15 19.70 6.07 -5.37
N HIS C 16 19.15 6.12 -4.17
CA HIS C 16 19.85 6.76 -3.09
C HIS C 16 20.06 5.74 -1.99
N MSE C 17 21.32 5.48 -1.67
CA MSE C 17 21.69 4.31 -0.85
C MSE C 17 22.25 4.77 0.48
O MSE C 17 23.21 5.54 0.53
CB MSE C 17 22.73 3.52 -1.59
CG MSE C 17 22.61 2.03 -1.51
SE MSE C 17 23.74 1.34 -2.96
CE MSE C 17 24.33 -0.28 -2.09
N ILE C 18 21.57 4.32 1.53
CA ILE C 18 21.97 4.55 2.89
C ILE C 18 22.72 3.32 3.45
N HIS C 19 23.99 3.53 3.72
CA HIS C 19 24.86 2.51 4.32
C HIS C 19 24.93 2.75 5.80
N SER C 20 24.58 1.73 6.55
CA SER C 20 24.54 1.87 8.01
C SER C 20 25.42 0.86 8.67
N LYS C 21 26.19 1.31 9.65
CA LYS C 21 26.85 0.35 10.55
C LYS C 21 27.06 0.93 11.95
N GLY C 22 26.52 0.22 12.93
CA GLY C 22 26.45 0.71 14.30
C GLY C 22 25.75 2.03 14.28
N PHE C 23 26.22 2.97 15.05
CA PHE C 23 25.62 4.31 15.03
C PHE C 23 25.47 4.98 13.67
N ASP C 24 26.46 4.78 12.79
CA ASP C 24 26.74 5.69 11.69
C ASP C 24 26.17 5.27 10.37
N SER C 25 25.92 6.27 9.53
CA SER C 25 25.60 6.02 8.08
C SER C 25 26.41 6.83 7.11
N PHE C 26 26.54 6.34 5.91
CA PHE C 26 26.90 7.31 4.90
C PHE C 26 26.01 6.92 3.72
N THR C 27 25.94 7.80 2.71
CA THR C 27 25.09 7.55 1.58
C THR C 27 25.86 7.59 0.28
N SER C 28 25.36 6.80 -0.67
CA SER C 28 25.84 6.89 -2.04
C SER C 28 24.65 6.94 -2.99
N SER C 29 24.84 7.51 -4.16
CA SER C 29 23.72 7.73 -5.05
C SER C 29 24.14 7.48 -6.49
N LYS C 30 23.15 7.03 -7.25
CA LYS C 30 23.34 6.71 -8.67
C LYS C 30 22.04 6.61 -9.46
N TYR C 31 22.23 6.39 -10.74
CA TYR C 31 21.13 6.23 -11.67
C TYR C 31 21.09 4.84 -12.27
N GLU C 32 19.92 4.26 -12.44
CA GLU C 32 19.92 2.88 -12.89
C GLU C 32 19.80 2.63 -14.39
N GLU C 33 19.72 3.64 -15.25
CA GLU C 33 19.58 3.35 -16.75
C GLU C 33 18.24 2.76 -17.18
N GLY C 34 17.52 3.50 -18.00
CA GLY C 34 16.14 3.14 -18.31
C GLY C 34 15.99 2.36 -19.61
N ALA C 35 15.00 2.74 -20.41
CA ALA C 35 14.76 2.04 -21.65
C ALA C 35 15.77 2.37 -22.77
N ASP C 36 16.95 2.89 -22.44
CA ASP C 36 17.87 3.41 -23.48
C ASP C 36 18.20 2.41 -24.60
N TYR C 37 18.20 1.14 -24.24
CA TYR C 37 18.37 0.08 -25.22
C TYR C 37 17.21 0.02 -26.23
N LEU C 38 15.99 -0.01 -25.70
CA LEU C 38 14.78 0.01 -26.51
C LEU C 38 14.71 1.22 -27.45
N LEU C 39 15.03 2.41 -26.93
CA LEU C 39 15.08 3.62 -27.74
C LEU C 39 15.98 3.44 -28.97
N SER C 40 17.18 2.91 -28.80
CA SER C 40 18.03 2.74 -29.96
C SER C 40 17.38 1.80 -30.93
N CYS C 41 16.63 0.84 -30.44
CA CYS C 41 16.11 -0.20 -31.32
C CYS C 41 15.06 0.38 -32.26
N LEU C 42 14.18 1.19 -31.69
CA LEU C 42 13.13 1.88 -32.42
C LEU C 42 13.71 2.83 -33.47
N ARG C 43 14.84 3.45 -33.11
CA ARG C 43 15.52 4.41 -33.99
C ARG C 43 16.15 3.71 -35.18
N GLN C 44 16.63 2.49 -34.93
CA GLN C 44 17.09 1.61 -35.98
C GLN C 44 15.99 1.21 -36.96
N GLY C 45 14.74 1.10 -36.52
CA GLY C 45 13.61 0.89 -37.44
C GLY C 45 13.19 2.24 -38.04
N ASN C 46 12.10 2.25 -38.79
CA ASN C 46 11.49 3.53 -39.24
C ASN C 46 11.70 4.60 -38.10
N ILE C 47 11.26 4.29 -36.88
CA ILE C 47 10.67 5.23 -35.93
C ILE C 47 11.45 6.46 -35.42
N ASP C 48 10.84 7.63 -35.58
CA ASP C 48 11.32 8.90 -35.02
C ASP C 48 10.72 9.01 -33.61
N VAL C 49 11.63 9.07 -32.62
CA VAL C 49 11.27 9.06 -31.19
C VAL C 49 11.54 10.38 -30.46
N ASP C 50 10.51 11.02 -29.93
CA ASP C 50 10.69 12.07 -28.93
C ASP C 50 10.74 11.48 -27.54
N TYR C 51 11.91 11.49 -26.91
CA TYR C 51 12.04 10.95 -25.56
C TYR C 51 11.62 12.00 -24.56
N MSE C 52 10.61 11.67 -23.75
CA MSE C 52 10.13 12.57 -22.72
C MSE C 52 10.36 11.95 -21.35
O MSE C 52 9.62 11.09 -20.94
CB MSE C 52 8.64 12.90 -22.90
CG MSE C 52 8.12 13.83 -21.81
SE MSE C 52 6.33 14.58 -22.01
CE MSE C 52 5.42 12.94 -22.03
N PRO C 53 11.41 12.41 -20.62
CA PRO C 53 11.69 11.90 -19.29
C PRO C 53 10.69 12.33 -18.26
N ALA C 54 10.51 11.53 -17.24
CA ALA C 54 9.55 11.96 -16.26
C ALA C 54 9.88 13.34 -15.73
N HIS C 55 11.10 13.82 -15.87
CA HIS C 55 11.35 15.19 -15.37
C HIS C 55 10.49 16.21 -16.13
N ILE C 56 10.46 16.05 -17.45
CA ILE C 56 9.73 16.87 -18.34
C ILE C 56 8.26 16.60 -18.12
N VAL C 57 7.87 15.36 -17.86
CA VAL C 57 6.47 15.19 -17.56
C VAL C 57 6.12 16.08 -16.36
N GLN C 58 7.03 16.19 -15.42
CA GLN C 58 6.72 16.90 -14.19
C GLN C 58 6.70 18.44 -14.36
N THR C 59 7.34 18.96 -15.40
CA THR C 59 7.55 20.39 -15.44
C THR C 59 6.88 21.03 -16.66
N ARG C 60 6.82 20.26 -17.76
CA ARG C 60 6.37 20.85 -19.00
C ARG C 60 5.56 19.92 -19.88
N PHE C 61 4.58 19.27 -19.28
CA PHE C 61 3.75 18.38 -20.04
C PHE C 61 2.82 19.22 -20.91
N PRO C 62 2.52 18.73 -22.11
CA PRO C 62 1.68 19.55 -22.99
C PRO C 62 0.30 19.82 -22.35
N GLN C 63 -0.19 21.04 -22.54
CA GLN C 63 -1.43 21.44 -21.97
C GLN C 63 -2.66 21.19 -22.86
N THR C 64 -2.45 20.54 -24.01
CA THR C 64 -3.48 20.34 -25.06
C THR C 64 -3.43 18.98 -25.77
N ALA C 65 -4.57 18.41 -26.18
CA ALA C 65 -4.51 17.12 -26.91
C ALA C 65 -4.14 17.33 -28.40
N GLU C 66 -4.18 18.59 -28.85
CA GLU C 66 -3.65 18.99 -30.16
C GLU C 66 -2.13 18.95 -30.17
N ALA C 67 -1.53 19.34 -29.05
CA ALA C 67 -0.07 19.25 -28.90
C ALA C 67 0.44 17.79 -28.93
N LEU C 68 -0.36 16.83 -28.53
CA LEU C 68 0.03 15.41 -28.69
C LEU C 68 -0.27 14.88 -30.08
N ALA C 69 -0.99 15.65 -30.88
CA ALA C 69 -1.54 15.16 -32.12
C ALA C 69 -0.50 14.91 -33.21
N CYS C 70 0.68 15.49 -33.09
CA CYS C 70 1.68 15.20 -34.06
C CYS C 70 2.32 13.83 -33.82
N TYR C 71 1.82 13.09 -32.85
CA TYR C 71 2.39 11.76 -32.57
C TYR C 71 1.48 10.70 -33.06
N ASP C 72 2.02 9.76 -33.80
CA ASP C 72 1.30 8.52 -34.16
C ASP C 72 1.04 7.61 -32.96
N ALA C 73 1.97 7.51 -32.04
CA ALA C 73 1.65 6.88 -30.75
C ALA C 73 2.37 7.50 -29.53
N ILE C 74 1.90 7.12 -28.35
CA ILE C 74 2.47 7.49 -27.07
C ILE C 74 2.80 6.19 -26.33
N VAL C 75 4.08 6.06 -25.96
CA VAL C 75 4.47 4.96 -25.11
C VAL C 75 4.68 5.41 -23.67
N ILE C 76 4.06 4.69 -22.76
CA ILE C 76 4.29 4.90 -21.35
C ILE C 76 4.98 3.66 -20.78
N SER C 77 6.18 3.89 -20.29
CA SER C 77 7.02 2.81 -19.80
C SER C 77 7.32 2.94 -18.29
N ASP C 78 6.58 2.19 -17.47
CA ASP C 78 6.92 1.96 -16.05
C ASP C 78 7.10 3.30 -15.36
N ILE C 79 6.07 4.14 -15.55
CA ILE C 79 5.91 5.43 -14.91
C ILE C 79 4.50 5.48 -14.28
N GLY C 80 4.37 5.72 -13.00
CA GLY C 80 3.07 5.75 -12.39
C GLY C 80 2.22 7.01 -12.56
N SER C 81 0.92 6.83 -12.27
CA SER C 81 -0.06 7.83 -12.55
C SER C 81 0.27 9.10 -11.78
N ASN C 82 0.93 8.92 -10.63
CA ASN C 82 1.16 10.04 -9.77
C ASN C 82 1.97 11.04 -10.53
N THR C 83 2.81 10.54 -11.46
CA THR C 83 3.76 11.39 -12.14
C THR C 83 2.99 12.21 -13.11
N PHE C 84 2.05 11.58 -13.77
CA PHE C 84 1.09 12.39 -14.55
C PHE C 84 0.17 13.32 -13.74
N LEU C 85 -0.51 12.83 -12.68
CA LEU C 85 -1.51 13.66 -11.98
C LEU C 85 -0.96 14.73 -11.07
N LEU C 86 0.32 14.63 -10.67
CA LEU C 86 0.86 15.50 -9.64
C LEU C 86 2.09 16.13 -10.16
N GLN C 87 1.90 16.95 -11.18
CA GLN C 87 2.99 17.64 -11.79
C GLN C 87 3.46 18.65 -10.78
N ASN C 88 4.69 19.15 -10.89
CA ASN C 88 5.13 20.13 -9.89
C ASN C 88 4.12 21.27 -9.73
N ARG C 89 3.63 21.86 -10.83
CA ARG C 89 2.62 22.94 -10.75
C ARG C 89 1.46 22.63 -9.80
N THR C 90 0.84 21.46 -9.98
CA THR C 90 -0.32 21.06 -9.21
C THR C 90 -0.06 20.84 -7.72
N PHE C 91 1.01 20.07 -7.46
CA PHE C 91 1.33 19.55 -6.15
C PHE C 91 2.08 20.52 -5.25
N TYR C 92 2.98 21.31 -5.78
CA TYR C 92 3.64 22.28 -4.91
C TYR C 92 2.92 23.63 -4.92
N ASN C 93 2.32 23.99 -6.04
CA ASN C 93 1.84 25.36 -6.25
C ASN C 93 0.34 25.49 -6.46
N MSE C 94 -0.36 24.36 -6.56
CA MSE C 94 -1.81 24.43 -6.74
C MSE C 94 -2.21 25.23 -7.97
O MSE C 94 -3.21 25.91 -7.97
CB MSE C 94 -2.45 25.01 -5.52
CG MSE C 94 -2.58 23.97 -4.48
SE MSE C 94 -3.32 24.57 -2.80
CE MSE C 94 -2.13 26.09 -2.44
N ASP C 95 -1.39 25.15 -9.01
CA ASP C 95 -1.70 25.77 -10.25
C ASP C 95 -2.66 24.86 -10.97
N ILE C 96 -3.74 25.40 -11.51
CA ILE C 96 -4.72 24.60 -12.24
C ILE C 96 -4.24 24.24 -13.65
N ILE C 97 -4.36 22.97 -13.97
CA ILE C 97 -3.87 22.45 -15.25
C ILE C 97 -4.68 21.25 -15.60
N PRO C 98 -4.71 20.94 -16.88
CA PRO C 98 -5.45 19.77 -17.39
C PRO C 98 -4.95 18.44 -16.79
N ASP C 99 -5.87 17.54 -16.46
CA ASP C 99 -5.54 16.18 -16.07
C ASP C 99 -4.80 15.53 -17.26
N ALA C 100 -3.49 15.28 -17.12
CA ALA C 100 -2.67 14.74 -18.22
C ALA C 100 -3.09 13.35 -18.71
N LEU C 101 -3.74 12.57 -17.87
CA LEU C 101 -4.16 11.26 -18.28
C LEU C 101 -5.36 11.43 -19.17
N GLN C 102 -6.08 12.56 -18.98
CA GLN C 102 -7.30 12.81 -19.74
C GLN C 102 -6.90 13.23 -21.14
N LEU C 103 -5.83 14.01 -21.23
CA LEU C 103 -5.29 14.44 -22.53
C LEU C 103 -4.84 13.23 -23.27
N ILE C 104 -4.29 12.26 -22.57
CA ILE C 104 -3.84 11.07 -23.25
C ILE C 104 -5.05 10.33 -23.72
N ALA C 105 -6.10 10.26 -22.90
CA ALA C 105 -7.33 9.55 -23.26
C ALA C 105 -8.00 10.21 -24.47
N ASP C 106 -8.19 11.53 -24.40
CA ASP C 106 -8.65 12.29 -25.53
C ASP C 106 -7.80 11.97 -26.77
N TYR C 107 -6.47 12.12 -26.66
CA TYR C 107 -5.58 11.86 -27.78
C TYR C 107 -5.83 10.49 -28.44
N VAL C 108 -6.10 9.45 -27.63
CA VAL C 108 -6.26 8.12 -28.17
C VAL C 108 -7.61 8.02 -28.92
N ALA C 109 -8.68 8.46 -28.24
CA ALA C 109 -10.06 8.58 -28.77
C ALA C 109 -10.14 9.19 -30.20
N GLU C 110 -9.42 10.29 -30.41
CA GLU C 110 -9.24 10.92 -31.70
C GLU C 110 -8.26 10.17 -32.60
N GLY C 111 -8.03 8.88 -32.36
CA GLY C 111 -7.12 8.11 -33.24
C GLY C 111 -5.66 7.83 -32.84
N GLY C 112 -5.21 8.41 -31.72
CA GLY C 112 -3.86 8.13 -31.19
C GLY C 112 -3.57 6.67 -30.82
N GLY C 113 -2.37 6.21 -31.12
CA GLY C 113 -1.89 4.94 -30.55
C GLY C 113 -1.37 5.13 -29.11
N LEU C 114 -1.58 4.08 -28.28
CA LEU C 114 -1.10 4.01 -26.91
C LEU C 114 -0.57 2.62 -26.56
N LEU C 115 0.72 2.59 -26.14
CA LEU C 115 1.38 1.43 -25.56
C LEU C 115 1.77 1.62 -24.08
N MSE C 116 1.42 0.66 -23.22
CA MSE C 116 1.89 0.69 -21.85
C MSE C 116 2.69 -0.59 -21.61
O MSE C 116 2.24 -1.74 -21.87
CB MSE C 116 0.77 0.83 -20.83
CG MSE C 116 1.32 0.73 -19.40
SE MSE C 116 0.09 1.15 -17.91
CE MSE C 116 0.32 3.10 -17.98
N ILE C 117 3.88 -0.34 -21.09
CA ILE C 117 4.80 -1.39 -20.77
C ILE C 117 4.89 -1.49 -19.26
N GLY C 118 4.85 -2.72 -18.79
CA GLY C 118 4.74 -3.02 -17.37
C GLY C 118 6.09 -2.80 -16.70
N GLY C 119 6.05 -3.00 -15.37
CA GLY C 119 7.18 -2.75 -14.47
C GLY C 119 6.53 -2.48 -13.12
N TYR C 120 7.34 -2.06 -12.16
CA TYR C 120 6.91 -1.86 -10.79
C TYR C 120 6.04 -0.62 -10.77
N LEU C 121 6.21 0.28 -11.74
CA LEU C 121 5.38 1.49 -11.77
C LEU C 121 4.31 1.56 -12.91
N SER C 122 3.94 0.36 -13.46
CA SER C 122 2.86 0.26 -14.43
C SER C 122 1.61 -0.41 -13.82
N PHE C 123 0.42 -0.08 -14.35
CA PHE C 123 -0.73 -0.86 -14.01
C PHE C 123 -1.08 -0.69 -12.56
N THR C 124 -1.13 -1.74 -11.78
CA THR C 124 -1.33 -1.42 -10.38
C THR C 124 -0.03 -1.12 -9.65
N GLY C 125 0.99 -1.93 -9.93
CA GLY C 125 2.34 -1.60 -9.54
C GLY C 125 2.72 -2.16 -8.19
N ILE C 126 4.02 -2.26 -7.91
CA ILE C 126 4.46 -2.59 -6.57
C ILE C 126 3.76 -1.79 -5.47
N GLU C 127 3.28 -2.52 -4.45
CA GLU C 127 2.56 -1.90 -3.35
C GLU C 127 1.38 -1.09 -3.83
N ALA C 128 0.88 -1.39 -5.04
CA ALA C 128 -0.30 -0.73 -5.59
C ALA C 128 -0.05 0.78 -5.86
N LYS C 129 1.21 1.12 -6.14
CA LYS C 129 1.68 2.48 -6.22
C LYS C 129 1.40 3.20 -7.57
N ALA C 130 1.47 2.42 -8.66
CA ALA C 130 1.30 2.95 -10.02
C ALA C 130 -0.14 3.36 -10.18
N ASN C 131 -1.06 2.56 -9.61
CA ASN C 131 -2.38 3.06 -9.25
C ASN C 131 -3.22 3.43 -10.48
N TYR C 132 -2.96 2.85 -11.64
CA TYR C 132 -3.69 3.23 -12.86
C TYR C 132 -5.22 2.91 -12.84
N LYS C 133 -5.59 1.94 -12.04
CA LYS C 133 -7.01 1.66 -11.84
C LYS C 133 -7.87 2.86 -11.47
N ASN C 134 -7.37 3.74 -10.62
CA ASN C 134 -8.16 4.84 -10.06
C ASN C 134 -7.95 6.16 -10.83
N THR C 135 -8.14 6.00 -12.13
CA THR C 135 -7.62 6.84 -13.15
C THR C 135 -8.45 6.67 -14.42
N VAL C 136 -8.71 7.81 -15.00
CA VAL C 136 -9.14 7.99 -16.37
C VAL C 136 -8.53 7.01 -17.42
N LEU C 137 -7.32 6.50 -17.19
CA LEU C 137 -6.71 5.61 -18.16
C LEU C 137 -7.24 4.21 -18.03
N ALA C 138 -7.97 3.92 -16.97
CA ALA C 138 -8.38 2.54 -16.75
C ALA C 138 -9.38 2.10 -17.83
N GLU C 139 -10.08 3.05 -18.43
CA GLU C 139 -11.09 2.68 -19.42
C GLU C 139 -10.48 2.70 -20.81
N VAL C 140 -9.28 3.27 -20.95
CA VAL C 140 -8.59 3.33 -22.23
C VAL C 140 -7.88 2.02 -22.57
N LEU C 141 -7.61 1.23 -21.54
CA LEU C 141 -6.68 0.14 -21.65
C LEU C 141 -7.49 -1.13 -21.85
N PRO C 142 -6.94 -2.06 -22.59
CA PRO C 142 -7.70 -3.24 -22.94
C PRO C 142 -7.67 -4.29 -21.87
N VAL C 143 -7.39 -3.87 -20.64
CA VAL C 143 -7.23 -4.82 -19.54
C VAL C 143 -7.94 -4.39 -18.28
N ASP C 144 -8.40 -5.32 -17.49
CA ASP C 144 -8.79 -4.96 -16.11
C ASP C 144 -7.54 -5.15 -15.19
N MSE C 145 -7.46 -4.39 -14.11
CA MSE C 145 -6.31 -4.46 -13.21
C MSE C 145 -6.76 -4.85 -11.78
O MSE C 145 -7.91 -4.61 -11.38
CB MSE C 145 -5.57 -3.12 -13.19
CG MSE C 145 -4.80 -2.77 -14.48
SE MSE C 145 -4.47 -0.83 -14.36
CE MSE C 145 -5.90 -0.07 -15.37
N LEU C 146 -5.83 -5.45 -11.03
CA LEU C 146 -6.05 -5.82 -9.65
C LEU C 146 -6.13 -4.62 -8.69
N ASP C 147 -6.88 -4.76 -7.60
CA ASP C 147 -6.88 -3.75 -6.55
C ASP C 147 -5.58 -3.75 -5.76
N VAL C 148 -4.92 -4.90 -5.72
CA VAL C 148 -3.72 -5.10 -4.93
C VAL C 148 -2.43 -5.07 -5.79
N ASP C 149 -1.26 -4.99 -5.12
CA ASP C 149 0.05 -5.22 -5.72
C ASP C 149 -0.07 -6.32 -6.76
N ASP C 150 0.15 -5.88 -7.99
CA ASP C 150 0.15 -6.55 -9.29
C ASP C 150 1.17 -7.61 -9.55
N ARG C 151 2.33 -7.46 -8.94
CA ARG C 151 3.47 -8.16 -9.40
C ARG C 151 3.28 -9.68 -9.35
N VAL C 152 3.73 -10.37 -10.39
CA VAL C 152 4.00 -11.80 -10.21
C VAL C 152 5.46 -11.97 -10.39
N GLU C 153 6.15 -12.37 -9.32
CA GLU C 153 7.60 -12.51 -9.48
C GLU C 153 7.94 -13.97 -9.86
N LEU C 154 8.87 -14.07 -10.82
CA LEU C 154 9.31 -15.32 -11.40
C LEU C 154 10.81 -15.36 -11.35
N PRO C 155 11.37 -15.44 -10.14
CA PRO C 155 12.78 -15.56 -10.04
C PRO C 155 13.27 -16.68 -10.96
N GLN C 156 12.49 -17.75 -11.10
CA GLN C 156 12.92 -18.93 -11.90
C GLN C 156 12.75 -18.70 -13.38
N GLY C 157 12.06 -17.60 -13.73
CA GLY C 157 11.86 -17.23 -15.12
C GLY C 157 10.76 -18.04 -15.76
N CYS C 158 10.23 -17.54 -16.85
CA CYS C 158 9.07 -18.17 -17.42
C CYS C 158 8.91 -17.74 -18.85
N LYS C 159 8.72 -18.74 -19.70
CA LYS C 159 8.68 -18.54 -21.14
C LYS C 159 7.23 -18.37 -21.58
N ALA C 160 6.94 -17.21 -22.18
CA ALA C 160 5.63 -16.90 -22.68
C ALA C 160 5.35 -17.74 -23.93
N VAL C 161 4.06 -17.92 -24.20
CA VAL C 161 3.66 -18.52 -25.46
C VAL C 161 2.74 -17.62 -26.23
N ASN C 162 2.93 -17.64 -27.53
CA ASN C 162 1.93 -17.17 -28.44
C ASN C 162 0.59 -17.90 -28.25
N THR C 163 -0.46 -17.13 -28.44
CA THR C 163 -1.86 -17.55 -28.29
C THR C 163 -2.39 -18.20 -29.62
N ALA C 164 -3.69 -18.47 -29.76
CA ALA C 164 -4.19 -18.90 -31.09
C ALA C 164 -4.46 -17.73 -32.04
N VAL C 165 -4.65 -16.53 -31.52
CA VAL C 165 -4.77 -15.36 -32.39
C VAL C 165 -3.52 -15.19 -33.29
N GLU C 166 -3.73 -15.06 -34.59
CA GLU C 166 -2.64 -14.77 -35.51
C GLU C 166 -2.51 -13.27 -35.68
N HIS C 167 -1.27 -12.82 -35.82
CA HIS C 167 -1.00 -11.41 -35.86
C HIS C 167 0.40 -11.21 -36.43
N VAL C 168 0.57 -10.04 -37.03
CA VAL C 168 1.77 -9.64 -37.74
C VAL C 168 2.93 -9.48 -36.75
N ILE C 169 2.55 -9.07 -35.53
CA ILE C 169 3.44 -8.84 -34.40
C ILE C 169 4.11 -10.11 -33.96
N THR C 170 3.30 -11.16 -33.93
CA THR C 170 3.68 -12.40 -33.32
C THR C 170 4.04 -13.42 -34.40
N GLN C 171 3.85 -12.99 -35.66
CA GLN C 171 4.11 -13.80 -36.84
C GLN C 171 5.48 -14.41 -36.88
N PRO C 172 6.55 -13.60 -36.68
CA PRO C 172 7.95 -14.03 -36.96
C PRO C 172 8.60 -14.99 -36.04
N PHE C 173 8.01 -15.27 -34.90
CA PHE C 173 8.71 -16.12 -33.90
C PHE C 173 7.68 -16.98 -33.23
N SER C 174 8.16 -18.13 -32.75
CA SER C 174 7.32 -19.05 -31.99
C SER C 174 7.65 -19.10 -30.48
N GLU C 175 8.90 -18.84 -30.09
CA GLU C 175 9.38 -19.07 -28.71
C GLU C 175 9.94 -17.84 -28.01
N TRP C 176 9.34 -17.53 -26.87
CA TRP C 176 9.73 -16.42 -26.05
C TRP C 176 10.98 -16.73 -25.21
N PRO C 177 11.81 -15.70 -25.00
CA PRO C 177 12.86 -15.84 -24.01
C PRO C 177 12.22 -15.68 -22.59
N PRO C 178 12.89 -16.23 -21.54
CA PRO C 178 12.29 -16.13 -20.21
C PRO C 178 12.21 -14.70 -19.72
N LEU C 179 11.22 -14.44 -18.88
CA LEU C 179 11.08 -13.16 -18.27
C LEU C 179 11.03 -13.39 -16.76
N LEU C 180 11.39 -12.39 -15.94
CA LEU C 180 11.49 -12.60 -14.50
C LEU C 180 10.33 -12.07 -13.68
N GLY C 181 9.36 -11.43 -14.33
CA GLY C 181 8.12 -11.09 -13.66
C GLY C 181 7.19 -10.35 -14.63
N TYR C 182 5.96 -10.09 -14.19
CA TYR C 182 5.00 -9.33 -14.98
C TYR C 182 3.90 -8.80 -14.08
N ASN C 183 3.17 -7.79 -14.55
CA ASN C 183 1.94 -7.35 -13.89
C ASN C 183 0.76 -8.31 -14.17
N LYS C 184 0.04 -8.75 -13.14
CA LYS C 184 -1.11 -9.62 -13.36
C LYS C 184 -2.31 -8.78 -13.76
N LEU C 185 -2.85 -9.10 -14.94
CA LEU C 185 -3.91 -8.33 -15.58
C LEU C 185 -5.07 -9.23 -16.03
N ILE C 186 -6.20 -8.63 -16.31
CA ILE C 186 -7.30 -9.38 -16.92
C ILE C 186 -7.74 -8.74 -18.26
N ALA C 187 -7.70 -9.53 -19.33
CA ALA C 187 -8.14 -9.04 -20.65
C ALA C 187 -9.62 -8.69 -20.66
N LYS C 188 -9.92 -7.49 -21.12
CA LYS C 188 -11.30 -7.05 -21.28
C LYS C 188 -11.99 -7.84 -22.42
N GLU C 189 -13.30 -7.66 -22.55
CA GLU C 189 -14.10 -8.42 -23.52
C GLU C 189 -13.68 -8.37 -25.04
N ASN C 190 -13.58 -7.20 -25.64
CA ASN C 190 -13.35 -7.19 -27.07
C ASN C 190 -11.89 -7.16 -27.42
N SER C 191 -11.09 -7.50 -26.45
CA SER C 191 -9.65 -7.38 -26.64
C SER C 191 -9.03 -8.68 -27.16
N GLN C 192 -7.89 -8.55 -27.81
CA GLN C 192 -7.15 -9.65 -28.38
C GLN C 192 -5.92 -9.94 -27.51
N VAL C 193 -5.82 -11.14 -26.97
CA VAL C 193 -4.62 -11.58 -26.33
C VAL C 193 -3.65 -12.28 -27.29
N LEU C 194 -2.51 -11.68 -27.64
CA LEU C 194 -1.56 -12.35 -28.60
C LEU C 194 -0.56 -13.30 -27.95
N ALA C 195 -0.27 -13.06 -26.67
CA ALA C 195 0.64 -13.91 -25.91
C ALA C 195 0.28 -13.98 -24.41
N GLU C 196 0.56 -15.15 -23.82
CA GLU C 196 0.34 -15.40 -22.41
C GLU C 196 1.64 -15.76 -21.68
N ILE C 197 1.69 -15.43 -20.41
CA ILE C 197 2.82 -15.86 -19.57
C ILE C 197 2.29 -16.41 -18.26
N ASN C 198 2.69 -17.64 -17.92
CA ASN C 198 2.30 -18.23 -16.69
C ASN C 198 0.78 -18.28 -16.57
N GLY C 199 0.10 -18.53 -17.71
CA GLY C 199 -1.37 -18.54 -17.76
C GLY C 199 -2.04 -17.18 -17.68
N ASP C 200 -1.31 -16.07 -17.81
CA ASP C 200 -1.92 -14.75 -17.71
C ASP C 200 -1.61 -13.98 -18.98
N PRO C 201 -2.40 -12.97 -19.26
CA PRO C 201 -2.13 -12.21 -20.51
C PRO C 201 -0.76 -11.45 -20.50
N LEU C 202 0.02 -11.56 -21.59
CA LEU C 202 1.32 -10.89 -21.71
C LEU C 202 1.16 -9.69 -22.61
N LEU C 203 0.41 -9.89 -23.70
CA LEU C 203 0.40 -8.90 -24.78
C LEU C 203 -1.04 -8.68 -25.27
N VAL C 204 -1.58 -7.48 -25.07
CA VAL C 204 -3.00 -7.35 -25.24
C VAL C 204 -3.29 -6.16 -26.11
N MSE C 205 -4.12 -6.38 -27.15
CA MSE C 205 -4.50 -5.34 -28.09
C MSE C 205 -5.97 -5.03 -27.92
O MSE C 205 -6.77 -5.93 -27.75
CB MSE C 205 -4.31 -5.80 -29.54
CG MSE C 205 -3.07 -6.55 -29.87
SE MSE C 205 -1.59 -5.31 -29.70
CE MSE C 205 -2.23 -3.73 -30.69
N GLY C 206 -6.32 -3.77 -28.03
CA GLY C 206 -7.70 -3.37 -27.91
C GLY C 206 -7.87 -2.03 -28.60
N THR C 207 -9.06 -1.45 -28.45
CA THR C 207 -9.29 -0.16 -29.08
C THR C 207 -10.00 0.76 -28.13
N TYR C 208 -9.82 2.05 -28.37
CA TYR C 208 -10.49 3.08 -27.56
C TYR C 208 -10.97 4.17 -28.51
N HIS C 209 -12.29 4.14 -28.77
CA HIS C 209 -12.91 4.93 -29.85
C HIS C 209 -12.07 4.79 -31.13
N LYS C 210 -11.47 5.86 -31.65
CA LYS C 210 -10.77 5.73 -32.93
C LYS C 210 -9.33 5.26 -32.80
N GLY C 211 -8.83 5.18 -31.55
CA GLY C 211 -7.42 4.88 -31.27
C GLY C 211 -7.23 3.40 -30.99
N LYS C 212 -6.02 2.92 -31.30
CA LYS C 212 -5.55 1.56 -30.98
C LYS C 212 -4.65 1.52 -29.71
N VAL C 213 -4.83 0.51 -28.85
CA VAL C 213 -4.14 0.42 -27.57
C VAL C 213 -3.51 -0.94 -27.32
N CYS C 214 -2.31 -0.93 -26.71
CA CYS C 214 -1.57 -2.15 -26.41
C CYS C 214 -1.04 -2.25 -24.98
N CYS C 215 -1.04 -3.46 -24.42
CA CYS C 215 -0.49 -3.68 -23.14
C CYS C 215 0.44 -4.82 -23.16
N PHE C 216 1.68 -4.51 -22.79
CA PHE C 216 2.67 -5.51 -22.57
C PHE C 216 2.84 -5.65 -21.07
N ALA C 217 2.67 -6.85 -20.51
CA ALA C 217 2.64 -6.98 -19.04
C ALA C 217 3.98 -7.12 -18.31
N SER C 218 5.05 -7.33 -19.07
CA SER C 218 6.34 -7.36 -18.42
C SER C 218 7.06 -6.06 -18.67
N ASP C 219 8.38 -6.06 -18.47
CA ASP C 219 9.19 -4.87 -18.62
C ASP C 219 10.04 -5.02 -19.89
N CYS C 220 10.49 -3.91 -20.42
CA CYS C 220 11.39 -3.93 -21.54
C CYS C 220 12.86 -3.86 -21.08
N SER C 221 13.04 -3.63 -19.77
CA SER C 221 14.35 -3.45 -19.16
C SER C 221 14.38 -4.34 -17.94
N PRO C 222 15.54 -4.42 -17.28
CA PRO C 222 15.71 -5.07 -15.98
C PRO C 222 14.78 -4.57 -14.86
N HIS C 223 14.44 -5.45 -13.91
CA HIS C 223 14.98 -6.80 -13.86
C HIS C 223 14.07 -7.90 -14.41
N TRP C 224 12.80 -7.57 -14.71
CA TRP C 224 11.88 -8.52 -15.35
C TRP C 224 12.32 -8.81 -16.76
N GLY C 225 12.76 -7.77 -17.45
CA GLY C 225 13.34 -7.93 -18.76
C GLY C 225 14.65 -8.65 -18.62
N SER C 226 14.66 -9.97 -18.72
CA SER C 226 15.89 -10.73 -18.56
C SER C 226 16.96 -10.34 -19.54
N PRO C 227 18.22 -10.67 -19.25
CA PRO C 227 19.16 -10.35 -20.37
C PRO C 227 18.73 -11.08 -21.64
N GLN C 228 18.18 -12.30 -21.47
CA GLN C 228 17.90 -13.17 -22.64
C GLN C 228 16.81 -12.55 -23.48
N PHE C 229 15.87 -11.93 -22.81
CA PHE C 229 14.91 -11.09 -23.49
C PHE C 229 15.59 -9.99 -24.25
N LEU C 230 16.49 -9.26 -23.60
CA LEU C 230 17.12 -8.10 -24.26
C LEU C 230 18.03 -8.43 -25.45
N GLN C 231 18.58 -9.63 -25.46
CA GLN C 231 19.57 -10.04 -26.45
C GLN C 231 18.91 -10.79 -27.60
N TRP C 232 17.60 -10.99 -27.46
CA TRP C 232 16.82 -11.85 -28.35
C TRP C 232 16.87 -11.34 -29.79
N GLU C 233 17.01 -12.24 -30.76
CA GLU C 233 17.03 -11.80 -32.19
C GLU C 233 15.75 -11.07 -32.61
N HIS C 234 14.65 -11.21 -31.86
CA HIS C 234 13.36 -10.64 -32.28
C HIS C 234 12.97 -9.37 -31.58
N TYR C 235 13.72 -9.01 -30.53
CA TYR C 235 13.40 -7.93 -29.62
C TYR C 235 13.12 -6.62 -30.37
N ALA C 236 14.03 -6.24 -31.24
CA ALA C 236 13.90 -4.95 -31.92
C ALA C 236 12.73 -4.92 -32.91
N THR C 237 12.49 -6.03 -33.62
CA THR C 237 11.40 -6.09 -34.59
C THR C 237 10.04 -6.23 -33.88
N PHE C 238 10.02 -7.00 -32.81
CA PHE C 238 8.85 -7.03 -31.97
C PHE C 238 8.40 -5.62 -31.57
N TRP C 239 9.29 -4.80 -31.07
CA TRP C 239 8.77 -3.54 -30.54
C TRP C 239 8.37 -2.57 -31.68
N CYS C 240 9.16 -2.55 -32.76
CA CYS C 240 8.81 -1.87 -34.00
C CYS C 240 7.43 -2.33 -34.52
N ASN C 241 7.21 -3.66 -34.56
CA ASN C 241 5.92 -4.17 -34.97
C ASN C 241 4.76 -3.67 -34.13
N VAL C 242 4.84 -3.92 -32.82
CA VAL C 242 3.92 -3.38 -31.87
C VAL C 242 3.62 -1.89 -32.19
N LEU C 243 4.63 -1.05 -32.41
CA LEU C 243 4.29 0.35 -32.69
C LEU C 243 3.53 0.52 -34.00
N HIS C 244 4.00 -0.11 -35.08
CA HIS C 244 3.34 0.07 -36.35
C HIS C 244 1.91 -0.34 -36.20
N THR C 245 1.70 -1.45 -35.53
CA THR C 245 0.34 -1.87 -35.23
C THR C 245 -0.57 -0.78 -34.65
N ILE C 246 -0.10 0.02 -33.72
CA ILE C 246 -1.04 0.93 -33.02
C ILE C 246 -1.05 2.34 -33.66
N LYS C 247 -0.25 2.50 -34.70
CA LYS C 247 -0.17 3.73 -35.47
C LYS C 247 -1.53 4.21 -35.97
N LYS C 248 -1.88 5.41 -35.50
CA LYS C 248 -2.97 6.29 -35.98
C LYS C 248 -4.12 5.81 -36.96
C1 GOL D . -4.07 16.93 0.33
O1 GOL D . -4.13 18.36 0.52
C2 GOL D . -2.82 16.38 1.09
O2 GOL D . -2.97 16.01 2.49
C3 GOL D . -1.73 17.41 0.89
O3 GOL D . -1.83 17.64 -0.47
C1 GOL E . 4.74 -7.09 15.73
O1 GOL E . 4.79 -6.98 17.15
C2 GOL E . 5.91 -6.31 15.11
O2 GOL E . 6.24 -6.72 13.77
C3 GOL E . 5.57 -4.83 15.24
O3 GOL E . 5.99 -4.31 16.49
C1 GOL F . 10.63 -4.36 -12.96
O1 GOL F . 11.46 -5.07 -13.88
C2 GOL F . 11.21 -2.95 -12.84
O2 GOL F . 10.28 -1.85 -12.73
C3 GOL F . 12.41 -3.02 -11.88
O3 GOL F . 12.69 -4.37 -11.56
#